data_1G31
#
_entry.id   1G31
#
_cell.length_a   157.677
_cell.length_b   157.677
_cell.length_c   90.932
_cell.angle_alpha   90.00
_cell.angle_beta   90.00
_cell.angle_gamma   90.00
#
_symmetry.space_group_name_H-M   'P 42 21 2'
#
loop_
_entity.id
_entity.type
_entity.pdbx_description
1 polymer GP31
2 non-polymer 'PHOSPHATE ION'
3 non-polymer 'POTASSIUM ION'
4 water water
#
_entity_poly.entity_id   1
_entity_poly.type   'polypeptide(L)'
_entity_poly.pdbx_seq_one_letter_code
;MSEVQQLPIRAVGEYVILVSEPAQAGDEEVTESGLIIGKRVQGEVPELCVVHSVGPDVPEGFCEVGDLTSLPVGQIRNVP
HPFVALGLKQPKEIKQKFVTCHYKAIPCLYK
;
_entity_poly.pdbx_strand_id   A,B,C,D,E,F,G
#
# COMPACT_ATOMS: atom_id res chain seq x y z
N GLN A 5 11.28 -38.30 5.95
CA GLN A 5 11.53 -36.89 6.35
C GLN A 5 10.24 -36.16 6.80
N GLN A 6 9.09 -36.83 6.70
CA GLN A 6 7.80 -36.22 7.06
C GLN A 6 7.17 -36.62 8.41
N LEU A 7 6.84 -35.60 9.20
CA LEU A 7 6.22 -35.76 10.50
C LEU A 7 4.78 -35.31 10.31
N PRO A 8 4.00 -35.10 11.39
CA PRO A 8 2.61 -34.66 11.19
C PRO A 8 2.37 -33.14 11.06
N ILE A 9 3.00 -32.50 10.08
CA ILE A 9 2.85 -31.07 9.84
C ILE A 9 2.78 -30.83 8.34
N ARG A 10 1.75 -30.13 7.90
CA ARG A 10 1.56 -29.84 6.49
C ARG A 10 1.31 -28.37 6.22
N ALA A 11 1.76 -27.91 5.07
CA ALA A 11 1.59 -26.53 4.65
C ALA A 11 0.22 -26.39 4.02
N VAL A 12 -0.45 -25.27 4.26
CA VAL A 12 -1.75 -25.05 3.65
C VAL A 12 -1.68 -23.83 2.78
N GLY A 13 -2.71 -23.66 1.95
CA GLY A 13 -2.76 -22.52 1.06
C GLY A 13 -1.52 -22.34 0.21
N GLU A 14 -1.06 -21.10 0.13
CA GLU A 14 0.10 -20.76 -0.69
C GLU A 14 1.40 -20.76 0.09
N TYR A 15 1.38 -21.36 1.27
CA TYR A 15 2.58 -21.41 2.08
C TYR A 15 3.43 -22.63 1.76
N VAL A 16 4.65 -22.58 2.29
CA VAL A 16 5.59 -23.64 2.10
C VAL A 16 6.32 -23.79 3.44
N ILE A 17 6.48 -25.03 3.88
CA ILE A 17 7.18 -25.31 5.13
C ILE A 17 8.53 -25.93 4.79
N LEU A 18 9.57 -25.35 5.36
CA LEU A 18 10.93 -25.80 5.10
C LEU A 18 11.55 -26.21 6.42
N VAL A 19 12.72 -26.82 6.33
CA VAL A 19 13.46 -27.20 7.51
C VAL A 19 14.85 -26.62 7.37
N SER A 20 15.24 -25.83 8.36
CA SER A 20 16.55 -25.19 8.35
C SER A 20 17.71 -26.16 8.40
N GLU A 21 18.78 -25.82 7.69
CA GLU A 21 19.99 -26.64 7.67
C GLU A 21 20.88 -26.42 8.89
N PRO A 22 21.49 -27.49 9.37
CA PRO A 22 22.40 -27.49 10.53
C PRO A 22 23.48 -26.39 10.48
N ALA A 23 24.16 -26.23 9.36
CA ALA A 23 25.18 -25.21 9.26
C ALA A 23 24.62 -24.01 8.51
N GLN A 24 24.92 -22.81 9.02
CA GLN A 24 24.46 -21.56 8.43
C GLN A 24 25.58 -20.51 8.46
N ALA A 25 25.28 -19.33 7.90
CA ALA A 25 26.22 -18.22 7.81
C ALA A 25 26.94 -17.86 9.13
N GLY A 26 26.29 -18.14 10.26
CA GLY A 26 26.85 -17.83 11.58
C GLY A 26 28.25 -18.30 11.94
N ASP A 27 28.90 -19.02 11.02
CA ASP A 27 30.24 -19.55 11.23
C ASP A 27 31.37 -18.53 11.27
N GLU A 28 31.17 -17.39 10.61
CA GLU A 28 32.19 -16.34 10.60
C GLU A 28 31.99 -15.37 11.73
N GLU A 29 32.39 -15.78 12.94
CA GLU A 29 32.31 -14.97 14.15
C GLU A 29 33.44 -13.94 14.15
N VAL A 30 33.74 -13.39 12.97
CA VAL A 30 34.81 -12.42 12.78
C VAL A 30 34.32 -11.01 13.11
N THR A 31 33.01 -10.85 13.28
CA THR A 31 32.38 -9.57 13.60
C THR A 31 32.81 -9.02 14.96
N GLU A 32 33.40 -7.81 14.96
CA GLU A 32 33.87 -7.13 16.18
C GLU A 32 32.88 -7.29 17.34
N SER A 33 33.34 -7.84 18.45
CA SER A 33 32.45 -8.05 19.59
C SER A 33 31.92 -6.73 20.14
N GLY A 34 30.71 -6.78 20.70
CA GLY A 34 30.11 -5.59 21.29
C GLY A 34 29.46 -4.59 20.36
N LEU A 35 29.31 -4.95 19.08
CA LEU A 35 28.64 -4.07 18.15
C LEU A 35 27.16 -4.41 18.16
N ILE A 36 26.33 -3.39 18.14
CA ILE A 36 24.89 -3.57 18.11
C ILE A 36 24.44 -3.76 16.66
N ILE A 37 23.80 -4.87 16.35
CA ILE A 37 23.37 -5.16 14.99
C ILE A 37 21.92 -4.79 14.77
N GLY A 38 21.69 -3.99 13.73
CA GLY A 38 20.33 -3.58 13.45
C GLY A 38 19.47 -4.72 12.97
N LYS A 39 18.17 -4.46 12.97
CA LYS A 39 17.21 -5.44 12.56
C LYS A 39 17.22 -5.69 11.06
N ARG A 40 17.46 -4.65 10.26
CA ARG A 40 17.51 -4.80 8.79
C ARG A 40 18.64 -5.76 8.39
N VAL A 41 19.80 -5.54 8.97
CA VAL A 41 20.96 -6.38 8.74
C VAL A 41 20.61 -7.81 9.12
N GLN A 42 20.13 -8.03 10.35
CA GLN A 42 19.77 -9.38 10.78
C GLN A 42 18.74 -10.02 9.85
N GLY A 43 17.80 -9.22 9.36
CA GLY A 43 16.77 -9.79 8.50
C GLY A 43 17.28 -10.20 7.14
N GLU A 44 18.46 -9.70 6.77
CA GLU A 44 19.03 -9.98 5.45
C GLU A 44 19.81 -11.27 5.41
N VAL A 45 20.31 -11.69 6.56
CA VAL A 45 21.06 -12.92 6.64
C VAL A 45 20.28 -14.06 5.99
N PRO A 46 20.92 -14.80 5.07
CA PRO A 46 20.26 -15.92 4.38
C PRO A 46 20.16 -17.14 5.29
N GLU A 47 19.15 -17.95 5.05
CA GLU A 47 18.97 -19.16 5.83
C GLU A 47 18.74 -20.28 4.81
N LEU A 48 19.62 -21.28 4.83
CA LEU A 48 19.53 -22.43 3.93
C LEU A 48 18.49 -23.38 4.48
N CYS A 49 17.54 -23.76 3.63
CA CYS A 49 16.46 -24.62 4.06
C CYS A 49 16.09 -25.65 3.03
N VAL A 50 15.39 -26.65 3.50
CA VAL A 50 14.96 -27.72 2.64
C VAL A 50 13.46 -27.79 2.70
N VAL A 51 12.86 -27.87 1.52
CA VAL A 51 11.42 -27.94 1.40
C VAL A 51 10.94 -29.21 2.04
N HIS A 52 10.00 -29.07 2.96
CA HIS A 52 9.46 -30.21 3.64
C HIS A 52 8.01 -30.43 3.20
N SER A 53 7.29 -29.35 2.94
CA SER A 53 5.89 -29.47 2.54
C SER A 53 5.44 -28.25 1.75
N VAL A 54 4.69 -28.48 0.67
CA VAL A 54 4.21 -27.39 -0.18
C VAL A 54 2.70 -27.26 -0.11
N GLY A 55 2.20 -26.08 0.25
CA GLY A 55 0.78 -25.88 0.31
C GLY A 55 0.06 -26.23 -1.00
N PRO A 56 -1.16 -26.76 -0.90
CA PRO A 56 -1.95 -27.14 -2.07
C PRO A 56 -2.27 -26.02 -3.05
N ASP A 57 -2.04 -24.78 -2.64
CA ASP A 57 -2.32 -23.65 -3.53
C ASP A 57 -1.09 -23.08 -4.20
N VAL A 58 0.07 -23.62 -3.84
CA VAL A 58 1.29 -23.20 -4.47
C VAL A 58 1.14 -23.80 -5.88
N PRO A 59 1.38 -23.00 -6.93
CA PRO A 59 1.27 -23.47 -8.31
C PRO A 59 2.04 -24.77 -8.52
N GLU A 60 1.39 -25.67 -9.25
CA GLU A 60 1.98 -26.96 -9.55
C GLU A 60 3.32 -26.82 -10.26
N GLY A 61 4.29 -27.61 -9.84
CA GLY A 61 5.59 -27.54 -10.45
C GLY A 61 6.43 -26.38 -9.98
N PHE A 62 6.06 -25.77 -8.87
CA PHE A 62 6.85 -24.67 -8.36
C PHE A 62 8.15 -25.21 -7.75
N CYS A 63 8.04 -26.21 -6.88
CA CYS A 63 9.23 -26.82 -6.27
C CYS A 63 8.86 -28.22 -5.78
N GLU A 64 9.83 -28.94 -5.21
CA GLU A 64 9.58 -30.28 -4.70
C GLU A 64 10.18 -30.50 -3.34
N VAL A 65 9.54 -31.39 -2.58
CA VAL A 65 10.03 -31.71 -1.25
C VAL A 65 11.48 -32.20 -1.40
N GLY A 66 12.35 -31.77 -0.49
CA GLY A 66 13.73 -32.18 -0.57
C GLY A 66 14.58 -31.11 -1.21
N ASP A 67 13.97 -30.20 -1.95
CA ASP A 67 14.70 -29.13 -2.59
C ASP A 67 15.28 -28.16 -1.59
N LEU A 68 16.53 -27.80 -1.85
CA LEU A 68 17.25 -26.88 -1.00
C LEU A 68 17.11 -25.47 -1.59
N THR A 69 16.97 -24.47 -0.71
CA THR A 69 16.82 -23.09 -1.14
C THR A 69 17.41 -22.14 -0.08
N SER A 70 17.34 -20.85 -0.36
CA SER A 70 17.85 -19.86 0.57
C SER A 70 16.84 -18.75 0.71
N LEU A 71 16.55 -18.40 1.96
CA LEU A 71 15.60 -17.33 2.26
C LEU A 71 16.17 -16.40 3.32
N PRO A 72 15.90 -15.10 3.20
CA PRO A 72 16.41 -14.15 4.19
C PRO A 72 15.63 -14.42 5.46
N VAL A 73 16.32 -14.34 6.59
CA VAL A 73 15.72 -14.53 7.89
C VAL A 73 14.41 -13.72 8.03
N GLY A 74 14.41 -12.51 7.49
CA GLY A 74 13.23 -11.68 7.59
C GLY A 74 12.06 -12.14 6.77
N GLN A 75 12.24 -13.07 5.86
CA GLN A 75 11.13 -13.51 5.01
C GLN A 75 10.43 -14.73 5.55
N ILE A 76 11.08 -15.41 6.47
CA ILE A 76 10.51 -16.61 7.00
C ILE A 76 10.09 -16.44 8.45
N ARG A 77 9.21 -17.33 8.86
CA ARG A 77 8.70 -17.31 10.20
C ARG A 77 8.86 -18.70 10.82
N ASN A 78 9.37 -18.74 12.05
CA ASN A 78 9.57 -20.00 12.77
C ASN A 78 8.22 -20.63 13.06
N VAL A 79 8.16 -21.96 12.92
CA VAL A 79 6.96 -22.73 13.19
C VAL A 79 7.28 -23.71 14.32
N PRO A 80 6.42 -23.81 15.34
CA PRO A 80 6.65 -24.74 16.46
C PRO A 80 6.81 -26.16 15.96
N HIS A 81 7.81 -26.87 16.50
CA HIS A 81 8.03 -28.24 16.07
C HIS A 81 6.77 -29.09 16.36
N PRO A 82 6.32 -29.94 15.40
CA PRO A 82 5.12 -30.74 15.69
C PRO A 82 5.07 -31.45 17.03
N PHE A 83 6.19 -31.93 17.55
CA PHE A 83 6.12 -32.58 18.85
C PHE A 83 5.85 -31.59 19.97
N VAL A 84 6.38 -30.37 19.88
CA VAL A 84 6.09 -29.38 20.92
C VAL A 84 4.59 -29.05 20.78
N ALA A 85 4.15 -28.91 19.53
CA ALA A 85 2.76 -28.60 19.23
C ALA A 85 1.86 -29.71 19.74
N LEU A 86 2.27 -30.95 19.50
CA LEU A 86 1.46 -32.08 19.94
C LEU A 86 1.77 -32.41 21.41
N GLY A 87 2.40 -31.47 22.10
CA GLY A 87 2.73 -31.61 23.52
C GLY A 87 3.43 -32.92 23.87
N LEU A 88 4.32 -33.36 22.98
CA LEU A 88 5.07 -34.60 23.13
C LEU A 88 6.55 -34.43 23.53
N LYS A 89 7.12 -33.23 23.37
CA LYS A 89 8.54 -32.98 23.75
C LYS A 89 8.67 -31.52 24.18
N GLN A 90 9.85 -31.14 24.66
CA GLN A 90 10.06 -29.76 25.08
C GLN A 90 10.86 -29.08 23.98
N PRO A 91 10.54 -27.81 23.67
CA PRO A 91 11.28 -27.12 22.60
C PRO A 91 12.81 -27.18 22.70
N LYS A 92 13.32 -27.19 23.94
CA LYS A 92 14.77 -27.26 24.18
C LYS A 92 15.41 -28.56 23.72
N GLU A 93 14.68 -29.66 23.80
CA GLU A 93 15.23 -30.93 23.38
C GLU A 93 14.83 -31.24 21.94
N ILE A 94 14.55 -30.20 21.16
CA ILE A 94 14.19 -30.34 19.74
C ILE A 94 15.33 -29.72 18.93
N LYS A 95 15.85 -30.50 17.98
CA LYS A 95 16.95 -30.03 17.14
C LYS A 95 16.43 -29.40 15.85
N GLN A 96 15.58 -30.16 15.14
CA GLN A 96 14.97 -29.73 13.89
C GLN A 96 14.15 -28.44 13.96
N LYS A 97 14.50 -27.48 13.12
CA LYS A 97 13.82 -26.20 13.11
C LYS A 97 12.95 -26.10 11.85
N PHE A 98 11.67 -25.86 12.05
CA PHE A 98 10.76 -25.70 10.93
C PHE A 98 10.42 -24.23 10.77
N VAL A 99 10.36 -23.77 9.53
CA VAL A 99 10.01 -22.39 9.24
C VAL A 99 9.03 -22.40 8.10
N THR A 100 8.36 -21.28 7.91
CA THR A 100 7.40 -21.17 6.84
C THR A 100 7.54 -19.83 6.13
N CYS A 101 7.03 -19.80 4.91
CA CYS A 101 7.01 -18.57 4.15
C CYS A 101 6.07 -18.75 2.98
N HIS A 102 5.64 -17.64 2.41
CA HIS A 102 4.77 -17.66 1.27
C HIS A 102 5.63 -18.11 0.07
N TYR A 103 5.04 -18.85 -0.88
CA TYR A 103 5.83 -19.32 -1.99
C TYR A 103 6.45 -18.21 -2.84
N LYS A 104 5.79 -17.07 -2.89
CA LYS A 104 6.32 -15.94 -3.67
C LYS A 104 7.59 -15.35 -3.12
N ALA A 105 7.96 -15.75 -1.92
CA ALA A 105 9.19 -15.24 -1.32
C ALA A 105 10.38 -16.09 -1.72
N ILE A 106 10.12 -17.23 -2.39
CA ILE A 106 11.19 -18.14 -2.81
C ILE A 106 11.68 -17.78 -4.19
N PRO A 107 12.95 -17.37 -4.30
CA PRO A 107 13.51 -16.98 -5.58
C PRO A 107 14.28 -18.07 -6.36
N CYS A 108 14.85 -19.05 -5.65
CA CYS A 108 15.63 -20.10 -6.30
C CYS A 108 15.69 -21.44 -5.58
N LEU A 109 16.22 -22.43 -6.29
CA LEU A 109 16.41 -23.77 -5.77
C LEU A 109 17.80 -24.16 -6.18
N TYR A 110 18.51 -24.84 -5.29
CA TYR A 110 19.86 -25.30 -5.60
C TYR A 110 19.78 -26.69 -6.21
N LYS A 111 19.23 -26.69 -7.41
CA LYS A 111 19.03 -27.86 -8.25
C LYS A 111 19.86 -27.56 -9.50
N GLN B 5 -17.78 -29.33 21.40
CA GLN B 5 -16.90 -28.15 21.20
C GLN B 5 -17.61 -26.95 20.55
N GLN B 6 -18.61 -27.19 19.71
CA GLN B 6 -19.33 -26.10 19.05
C GLN B 6 -20.20 -25.22 19.96
N LEU B 7 -19.77 -23.98 20.15
CA LEU B 7 -20.49 -22.97 20.95
C LEU B 7 -21.27 -22.10 19.96
N PRO B 8 -22.21 -21.25 20.43
CA PRO B 8 -22.96 -20.39 19.49
C PRO B 8 -22.14 -19.20 18.99
N ILE B 9 -21.26 -19.50 18.05
CA ILE B 9 -20.38 -18.54 17.42
C ILE B 9 -19.88 -19.16 16.13
N ARG B 10 -20.08 -18.44 15.04
CA ARG B 10 -19.65 -18.91 13.73
C ARG B 10 -18.81 -17.87 12.99
N ALA B 11 -17.87 -18.34 12.19
CA ALA B 11 -17.00 -17.49 11.42
C ALA B 11 -17.75 -17.13 10.13
N VAL B 12 -17.57 -15.90 9.65
CA VAL B 12 -18.20 -15.46 8.41
C VAL B 12 -17.13 -15.08 7.42
N GLY B 13 -17.54 -14.95 6.15
CA GLY B 13 -16.62 -14.60 5.09
C GLY B 13 -15.39 -15.45 5.02
N GLU B 14 -14.24 -14.81 4.87
CA GLU B 14 -12.96 -15.50 4.77
C GLU B 14 -12.24 -15.65 6.09
N TYR B 15 -12.95 -15.46 7.19
CA TYR B 15 -12.34 -15.61 8.51
C TYR B 15 -12.42 -17.02 9.04
N VAL B 16 -11.65 -17.26 10.08
CA VAL B 16 -11.59 -18.55 10.72
C VAL B 16 -11.50 -18.26 12.20
N ILE B 17 -12.32 -18.98 12.97
CA ILE B 17 -12.33 -18.84 14.43
C ILE B 17 -11.65 -20.06 15.05
N LEU B 18 -10.68 -19.79 15.90
CA LEU B 18 -9.93 -20.84 16.54
C LEU B 18 -10.07 -20.68 18.03
N VAL B 19 -9.59 -21.69 18.76
CA VAL B 19 -9.64 -21.66 20.21
C VAL B 19 -8.22 -21.93 20.66
N SER B 20 -7.69 -21.02 21.45
CA SER B 20 -6.35 -21.15 21.98
C SER B 20 -6.16 -22.33 22.91
N GLU B 21 -4.96 -22.92 22.82
CA GLU B 21 -4.56 -24.05 23.65
C GLU B 21 -4.10 -23.62 25.04
N PRO B 22 -4.45 -24.43 26.05
CA PRO B 22 -4.11 -24.21 27.45
C PRO B 22 -2.64 -23.90 27.66
N ALA B 23 -1.79 -24.65 27.00
CA ALA B 23 -0.36 -24.45 27.15
C ALA B 23 0.26 -23.82 25.91
N GLN B 24 1.14 -22.86 26.15
CA GLN B 24 1.87 -22.13 25.12
C GLN B 24 3.30 -22.07 25.67
N ALA B 25 4.30 -21.83 24.83
CA ALA B 25 5.69 -21.78 25.30
C ALA B 25 6.01 -20.73 26.39
N GLY B 26 4.97 -20.06 26.93
CA GLY B 26 5.17 -19.07 27.99
C GLY B 26 5.55 -19.71 29.32
N ASP B 27 5.76 -21.02 29.26
CA ASP B 27 6.16 -21.84 30.39
C ASP B 27 7.67 -21.91 30.25
N GLU B 28 8.31 -20.77 30.05
CA GLU B 28 9.75 -20.67 29.89
C GLU B 28 10.19 -19.31 30.39
N GLU B 29 9.56 -18.85 31.45
CA GLU B 29 9.85 -17.54 32.01
C GLU B 29 11.17 -17.42 32.73
N VAL B 30 12.23 -17.79 32.03
CA VAL B 30 13.59 -17.75 32.54
C VAL B 30 14.14 -16.36 32.16
N THR B 31 13.38 -15.64 31.34
CA THR B 31 13.78 -14.31 30.89
C THR B 31 14.05 -13.40 32.09
N GLU B 32 15.15 -12.65 32.00
CA GLU B 32 15.55 -11.71 33.03
C GLU B 32 14.37 -10.80 33.39
N SER B 33 14.01 -10.75 34.66
CA SER B 33 12.90 -9.91 35.12
C SER B 33 13.16 -8.42 34.93
N GLY B 34 12.07 -7.65 34.81
CA GLY B 34 12.19 -6.21 34.64
C GLY B 34 12.63 -5.70 33.28
N LEU B 35 12.57 -6.56 32.27
CA LEU B 35 12.95 -6.15 30.93
C LEU B 35 11.76 -5.63 30.15
N ILE B 36 11.93 -4.57 29.38
CA ILE B 36 10.81 -4.06 28.60
C ILE B 36 10.78 -4.78 27.25
N ILE B 37 9.68 -5.48 26.98
CA ILE B 37 9.53 -6.21 25.73
C ILE B 37 8.79 -5.42 24.64
N GLY B 38 9.42 -5.26 23.49
CA GLY B 38 8.76 -4.51 22.45
C GLY B 38 7.54 -5.23 21.91
N LYS B 39 6.80 -4.46 21.11
CA LYS B 39 5.58 -4.96 20.51
C LYS B 39 5.84 -5.94 19.37
N ARG B 40 6.91 -5.72 18.59
CA ARG B 40 7.24 -6.63 17.49
C ARG B 40 7.54 -8.02 18.03
N VAL B 41 8.36 -8.04 19.07
CA VAL B 41 8.73 -9.30 19.73
C VAL B 41 7.46 -10.00 20.22
N GLN B 42 6.64 -9.30 21.00
CA GLN B 42 5.40 -9.90 21.50
C GLN B 42 4.51 -10.37 20.37
N GLY B 43 4.50 -9.64 19.27
CA GLY B 43 3.63 -10.03 18.16
C GLY B 43 4.09 -11.29 17.46
N GLU B 44 5.37 -11.61 17.67
CA GLU B 44 6.01 -12.77 17.06
C GLU B 44 5.68 -14.07 17.69
N VAL B 45 5.52 -14.04 18.99
CA VAL B 45 5.21 -15.23 19.78
C VAL B 45 4.09 -16.03 19.13
N PRO B 46 4.33 -17.34 18.92
CA PRO B 46 3.32 -18.23 18.31
C PRO B 46 2.23 -18.56 19.31
N GLU B 47 1.06 -18.89 18.78
CA GLU B 47 -0.08 -19.24 19.58
C GLU B 47 -0.58 -20.54 18.95
N LEU B 48 -0.72 -21.58 19.78
CA LEU B 48 -1.24 -22.86 19.31
C LEU B 48 -2.75 -22.78 19.43
N CYS B 49 -3.44 -23.08 18.35
CA CYS B 49 -4.90 -22.99 18.35
C CYS B 49 -5.56 -24.11 17.59
N VAL B 50 -6.83 -24.28 17.88
CA VAL B 50 -7.59 -25.31 17.23
C VAL B 50 -8.73 -24.67 16.50
N VAL B 51 -8.89 -25.08 15.25
CA VAL B 51 -9.95 -24.56 14.40
C VAL B 51 -11.27 -24.94 14.99
N HIS B 52 -12.11 -23.94 15.20
CA HIS B 52 -13.42 -24.15 15.77
C HIS B 52 -14.48 -23.90 14.70
N SER B 53 -14.24 -22.94 13.81
CA SER B 53 -15.23 -22.63 12.77
C SER B 53 -14.56 -21.98 11.57
N VAL B 54 -14.96 -22.38 10.37
CA VAL B 54 -14.37 -21.85 9.14
C VAL B 54 -15.40 -21.05 8.35
N GLY B 55 -15.09 -19.79 8.07
CA GLY B 55 -16.01 -18.96 7.30
C GLY B 55 -16.39 -19.60 5.98
N PRO B 56 -17.63 -19.39 5.53
CA PRO B 56 -18.14 -19.94 4.27
C PRO B 56 -17.39 -19.50 3.02
N ASP B 57 -16.54 -18.50 3.14
CA ASP B 57 -15.79 -18.04 1.97
C ASP B 57 -14.37 -18.54 1.94
N VAL B 58 -13.98 -19.25 3.00
CA VAL B 58 -12.66 -19.82 3.03
C VAL B 58 -12.75 -20.92 1.99
N PRO B 59 -11.78 -21.00 1.06
CA PRO B 59 -11.80 -22.03 0.01
C PRO B 59 -12.01 -23.41 0.59
N GLU B 60 -12.86 -24.17 -0.08
CA GLU B 60 -13.19 -25.53 0.32
C GLU B 60 -11.93 -26.41 0.43
N GLY B 61 -11.85 -27.18 1.50
CA GLY B 61 -10.70 -28.04 1.68
C GLY B 61 -9.49 -27.31 2.19
N PHE B 62 -9.67 -26.13 2.75
CA PHE B 62 -8.54 -25.39 3.28
C PHE B 62 -8.11 -26.04 4.59
N CYS B 63 -9.05 -26.23 5.50
CA CYS B 63 -8.76 -26.87 6.80
C CYS B 63 -10.05 -27.47 7.36
N GLU B 64 -9.96 -28.11 8.52
CA GLU B 64 -11.13 -28.70 9.14
C GLU B 64 -11.21 -28.38 10.61
N VAL B 65 -12.43 -28.34 11.13
CA VAL B 65 -12.64 -28.08 12.53
C VAL B 65 -11.87 -29.16 13.31
N GLY B 66 -11.25 -28.77 14.41
CA GLY B 66 -10.48 -29.72 15.19
C GLY B 66 -9.01 -29.66 14.84
N ASP B 67 -8.67 -29.13 13.67
CA ASP B 67 -7.27 -29.01 13.27
C ASP B 67 -6.49 -28.05 14.15
N LEU B 68 -5.29 -28.46 14.49
CA LEU B 68 -4.41 -27.66 15.30
C LEU B 68 -3.46 -26.90 14.39
N THR B 69 -3.16 -25.65 14.74
CA THR B 69 -2.27 -24.82 13.95
C THR B 69 -1.51 -23.84 14.87
N SER B 70 -0.65 -23.03 14.26
CA SER B 70 0.10 -22.04 15.00
C SER B 70 0.04 -20.70 14.30
N LEU B 71 -0.28 -19.66 15.05
CA LEU B 71 -0.35 -18.32 14.51
C LEU B 71 0.38 -17.35 15.41
N PRO B 72 1.02 -16.33 14.83
CA PRO B 72 1.74 -15.35 15.65
C PRO B 72 0.66 -14.52 16.34
N VAL B 73 0.93 -14.16 17.58
CA VAL B 73 0.01 -13.36 18.34
C VAL B 73 -0.47 -12.13 17.54
N GLY B 74 0.45 -11.56 16.79
CA GLY B 74 0.10 -10.36 16.05
C GLY B 74 -0.82 -10.60 14.86
N GLN B 75 -1.02 -11.85 14.47
CA GLN B 75 -1.89 -12.12 13.33
C GLN B 75 -3.33 -12.39 13.70
N ILE B 76 -3.56 -12.69 14.96
CA ILE B 76 -4.89 -13.01 15.41
C ILE B 76 -5.47 -11.95 16.29
N ARG B 77 -6.78 -11.97 16.38
CA ARG B 77 -7.48 -11.01 17.19
C ARG B 77 -8.42 -11.76 18.14
N ASN B 78 -8.40 -11.35 19.41
CA ASN B 78 -9.24 -11.95 20.43
C ASN B 78 -10.71 -11.67 20.12
N VAL B 79 -11.56 -12.65 20.33
CA VAL B 79 -13.00 -12.53 20.10
C VAL B 79 -13.67 -12.78 21.46
N PRO B 80 -14.64 -11.95 21.85
CA PRO B 80 -15.35 -12.12 23.13
C PRO B 80 -16.02 -13.50 23.18
N HIS B 81 -15.90 -14.18 24.31
CA HIS B 81 -16.52 -15.50 24.44
C HIS B 81 -18.04 -15.38 24.22
N PRO B 82 -18.66 -16.31 23.47
CA PRO B 82 -20.11 -16.22 23.25
C PRO B 82 -20.94 -16.00 24.52
N PHE B 83 -20.45 -16.53 25.63
CA PHE B 83 -21.15 -16.40 26.92
C PHE B 83 -21.11 -14.99 27.45
N VAL B 84 -20.06 -14.26 27.14
CA VAL B 84 -19.95 -12.88 27.59
C VAL B 84 -20.77 -12.07 26.61
N ALA B 85 -20.65 -12.43 25.33
CA ALA B 85 -21.39 -11.76 24.27
C ALA B 85 -22.88 -11.89 24.50
N LEU B 86 -23.32 -13.09 24.85
CA LEU B 86 -24.72 -13.33 25.09
C LEU B 86 -25.12 -12.94 26.51
N GLY B 87 -24.26 -12.15 27.15
CA GLY B 87 -24.52 -11.66 28.50
C GLY B 87 -24.91 -12.70 29.53
N LEU B 88 -24.24 -13.84 29.48
CA LEU B 88 -24.46 -14.97 30.39
C LEU B 88 -23.35 -15.16 31.39
N LYS B 89 -22.20 -14.56 31.13
CA LYS B 89 -21.06 -14.70 32.03
C LYS B 89 -20.15 -13.48 31.96
N GLN B 90 -19.55 -13.12 33.10
CA GLN B 90 -18.63 -11.99 33.16
C GLN B 90 -17.33 -12.64 32.69
N PRO B 91 -16.53 -11.92 31.87
CA PRO B 91 -15.24 -12.30 31.28
C PRO B 91 -14.30 -13.10 32.19
N LYS B 92 -14.17 -12.63 33.43
CA LYS B 92 -13.32 -13.27 34.41
C LYS B 92 -13.59 -14.74 34.66
N GLU B 93 -14.83 -15.16 34.53
CA GLU B 93 -15.13 -16.56 34.76
C GLU B 93 -15.13 -17.38 33.47
N ILE B 94 -14.43 -16.87 32.46
CA ILE B 94 -14.29 -17.57 31.17
C ILE B 94 -12.82 -17.98 31.00
N LYS B 95 -12.60 -19.26 30.70
CA LYS B 95 -11.23 -19.76 30.51
C LYS B 95 -10.90 -19.81 29.02
N GLN B 96 -11.75 -20.46 28.24
CA GLN B 96 -11.62 -20.63 26.81
C GLN B 96 -11.42 -19.28 26.13
N LYS B 97 -10.36 -19.16 25.34
CA LYS B 97 -10.07 -17.91 24.65
C LYS B 97 -10.22 -18.07 23.13
N PHE B 98 -11.30 -17.52 22.58
CA PHE B 98 -11.53 -17.58 21.14
C PHE B 98 -10.78 -16.47 20.44
N VAL B 99 -10.22 -16.77 19.27
CA VAL B 99 -9.49 -15.78 18.49
C VAL B 99 -9.90 -15.96 17.05
N THR B 100 -9.64 -14.94 16.24
CA THR B 100 -9.97 -15.00 14.84
C THR B 100 -8.83 -14.48 14.01
N CYS B 101 -8.86 -14.84 12.72
CA CYS B 101 -7.87 -14.38 11.78
C CYS B 101 -8.36 -14.73 10.38
N HIS B 102 -7.79 -14.06 9.40
CA HIS B 102 -8.15 -14.29 8.03
C HIS B 102 -7.50 -15.62 7.62
N TYR B 103 -8.14 -16.40 6.75
CA TYR B 103 -7.55 -17.68 6.40
C TYR B 103 -6.18 -17.62 5.76
N LYS B 104 -5.88 -16.53 5.06
CA LYS B 104 -4.59 -16.38 4.41
C LYS B 104 -3.44 -16.21 5.40
N ALA B 105 -3.76 -16.05 6.67
CA ALA B 105 -2.71 -15.88 7.67
C ALA B 105 -2.28 -17.25 8.20
N ILE B 106 -3.01 -18.29 7.84
CA ILE B 106 -2.70 -19.66 8.30
C ILE B 106 -1.75 -20.34 7.34
N PRO B 107 -0.56 -20.66 7.85
CA PRO B 107 0.44 -21.33 7.01
C PRO B 107 0.50 -22.86 7.10
N CYS B 108 0.09 -23.43 8.22
CA CYS B 108 0.17 -24.88 8.39
C CYS B 108 -0.85 -25.47 9.36
N LEU B 109 -0.90 -26.80 9.33
CA LEU B 109 -1.76 -27.59 10.19
C LEU B 109 -0.90 -28.72 10.72
N TYR B 110 -1.05 -29.04 12.01
CA TYR B 110 -0.30 -30.15 12.59
C TYR B 110 -1.14 -31.42 12.46
N LYS B 111 -1.47 -31.78 11.23
CA LYS B 111 -2.26 -32.95 10.93
C LYS B 111 -1.56 -33.72 9.81
N GLN C 5 -36.75 -1.86 15.28
CA GLN C 5 -35.34 -1.48 15.06
C GLN C 5 -35.21 -0.56 13.85
N GLN C 6 -35.93 -0.90 12.78
CA GLN C 6 -35.88 -0.13 11.54
C GLN C 6 -36.38 1.31 11.60
N LEU C 7 -35.41 2.23 11.49
CA LEU C 7 -35.64 3.66 11.43
C LEU C 7 -35.28 4.00 9.98
N PRO C 8 -35.24 5.30 9.64
CA PRO C 8 -34.89 5.67 8.26
C PRO C 8 -33.38 5.87 8.13
N ILE C 9 -32.69 4.76 7.96
CA ILE C 9 -31.26 4.75 7.72
C ILE C 9 -30.92 3.40 7.09
N ARG C 10 -30.31 3.42 5.93
CA ARG C 10 -29.95 2.21 5.24
C ARG C 10 -28.49 2.21 4.83
N ALA C 11 -27.90 1.03 4.81
CA ALA C 11 -26.51 0.85 4.43
C ALA C 11 -26.46 0.74 2.90
N VAL C 12 -25.41 1.29 2.31
CA VAL C 12 -25.24 1.24 0.87
C VAL C 12 -23.96 0.52 0.54
N GLY C 13 -23.83 0.11 -0.72
CA GLY C 13 -22.63 -0.59 -1.16
C GLY C 13 -22.28 -1.80 -0.34
N GLU C 14 -21.00 -1.90 0.01
CA GLU C 14 -20.50 -3.02 0.77
C GLU C 14 -20.43 -2.77 2.27
N TYR C 15 -21.13 -1.72 2.72
CA TYR C 15 -21.15 -1.40 4.12
C TYR C 15 -22.25 -2.11 4.87
N VAL C 16 -22.15 -2.06 6.19
CA VAL C 16 -23.11 -2.68 7.08
C VAL C 16 -23.27 -1.70 8.23
N ILE C 17 -24.52 -1.50 8.64
CA ILE C 17 -24.83 -0.60 9.74
C ILE C 17 -25.29 -1.43 10.91
N LEU C 18 -24.68 -1.20 12.04
CA LEU C 18 -24.98 -1.96 13.24
C LEU C 18 -25.42 -1.01 14.31
N VAL C 19 -25.93 -1.57 15.40
CA VAL C 19 -26.34 -0.77 16.53
C VAL C 19 -25.61 -1.34 17.75
N SER C 20 -24.87 -0.48 18.43
CA SER C 20 -24.12 -0.87 19.61
C SER C 20 -24.98 -1.30 20.75
N GLU C 21 -24.49 -2.32 21.46
CA GLU C 21 -25.15 -2.87 22.62
C GLU C 21 -24.92 -2.04 23.88
N PRO C 22 -25.96 -1.97 24.74
CA PRO C 22 -26.02 -1.26 26.03
C PRO C 22 -24.85 -1.52 26.99
N ALA C 23 -24.47 -2.77 27.17
CA ALA C 23 -23.33 -3.09 28.04
C ALA C 23 -22.16 -3.59 27.20
N GLN C 24 -20.97 -3.10 27.53
CA GLN C 24 -19.76 -3.48 26.82
C GLN C 24 -18.70 -3.76 27.86
N ALA C 25 -17.50 -4.09 27.36
CA ALA C 25 -16.35 -4.40 28.21
C ALA C 25 -16.04 -3.31 29.26
N GLY C 26 -16.19 -2.05 28.87
CA GLY C 26 -15.92 -0.91 29.75
C GLY C 26 -16.26 -1.01 31.22
N ASP C 27 -17.33 -1.74 31.53
CA ASP C 27 -17.81 -1.96 32.90
C ASP C 27 -16.69 -2.39 33.84
N GLU C 28 -15.68 -3.08 33.30
CA GLU C 28 -14.55 -3.55 34.09
C GLU C 28 -13.57 -2.43 34.41
N GLU C 29 -14.06 -1.43 35.11
CA GLU C 29 -13.25 -0.31 35.49
C GLU C 29 -12.62 -0.65 36.81
N VAL C 30 -11.51 -1.37 36.70
CA VAL C 30 -10.79 -1.79 37.88
C VAL C 30 -9.31 -1.41 37.71
N THR C 31 -8.99 -0.83 36.56
CA THR C 31 -7.62 -0.43 36.25
C THR C 31 -7.18 0.81 37.04
N GLU C 32 -5.88 1.08 37.02
CA GLU C 32 -5.30 2.22 37.72
C GLU C 32 -5.75 3.54 37.05
N SER C 33 -6.28 4.45 37.85
CA SER C 33 -6.74 5.76 37.35
C SER C 33 -5.60 6.72 37.00
N GLY C 34 -5.85 7.61 36.04
CA GLY C 34 -4.83 8.56 35.64
C GLY C 34 -3.75 7.98 34.75
N LEU C 35 -4.05 6.85 34.10
CA LEU C 35 -3.10 6.23 33.19
C LEU C 35 -3.43 6.72 31.81
N ILE C 36 -2.40 7.01 31.02
CA ILE C 36 -2.65 7.46 29.67
C ILE C 36 -2.76 6.25 28.76
N ILE C 37 -3.93 6.06 28.14
CA ILE C 37 -4.16 4.93 27.25
C ILE C 37 -3.90 5.26 25.79
N GLY C 38 -3.03 4.49 25.15
CA GLY C 38 -2.75 4.76 23.77
C GLY C 38 -3.91 4.48 22.85
N LYS C 39 -3.75 4.98 21.63
CA LYS C 39 -4.78 4.81 20.62
C LYS C 39 -4.90 3.39 20.10
N ARG C 40 -3.78 2.66 20.00
CA ARG C 40 -3.81 1.26 19.52
C ARG C 40 -4.63 0.42 20.47
N VAL C 41 -4.37 0.60 21.76
CA VAL C 41 -5.08 -0.12 22.81
C VAL C 41 -6.57 0.18 22.70
N GLN C 42 -6.92 1.46 22.72
CA GLN C 42 -8.33 1.85 22.61
C GLN C 42 -8.97 1.28 21.35
N GLY C 43 -8.22 1.24 20.25
CA GLY C 43 -8.79 0.74 19.01
C GLY C 43 -9.04 -0.73 19.01
N GLU C 44 -8.40 -1.45 19.92
CA GLU C 44 -8.55 -2.91 20.01
C GLU C 44 -9.76 -3.34 20.80
N VAL C 45 -10.23 -2.49 21.71
CA VAL C 45 -11.41 -2.82 22.50
C VAL C 45 -12.56 -3.28 21.60
N PRO C 46 -13.17 -4.44 21.90
CA PRO C 46 -14.28 -4.96 21.11
C PRO C 46 -15.55 -4.19 21.40
N GLU C 47 -16.43 -4.21 20.42
CA GLU C 47 -17.69 -3.53 20.49
C GLU C 47 -18.76 -4.55 20.05
N LEU C 48 -19.70 -4.84 20.95
CA LEU C 48 -20.79 -5.78 20.65
C LEU C 48 -21.87 -4.99 19.92
N CYS C 49 -22.26 -5.47 18.76
CA CYS C 49 -23.25 -4.75 17.96
C CYS C 49 -24.21 -5.68 17.30
N VAL C 50 -25.32 -5.10 16.88
CA VAL C 50 -26.34 -5.86 16.23
C VAL C 50 -26.55 -5.29 14.85
N VAL C 51 -26.57 -6.18 13.86
CA VAL C 51 -26.77 -5.80 12.47
C VAL C 51 -28.14 -5.16 12.34
N HIS C 52 -28.16 -3.96 11.78
CA HIS C 52 -29.38 -3.24 11.60
C HIS C 52 -29.70 -3.17 10.11
N SER C 53 -28.68 -3.06 9.27
CA SER C 53 -28.89 -2.95 7.82
C SER C 53 -27.64 -3.43 7.06
N VAL C 54 -27.86 -4.16 5.98
CA VAL C 54 -26.77 -4.68 5.18
C VAL C 54 -26.78 -4.07 3.78
N GLY C 55 -25.67 -3.45 3.39
CA GLY C 55 -25.58 -2.86 2.05
C GLY C 55 -25.91 -3.86 0.95
N PRO C 56 -26.54 -3.40 -0.13
CA PRO C 56 -26.91 -4.24 -1.27
C PRO C 56 -25.76 -4.92 -1.98
N ASP C 57 -24.53 -4.50 -1.68
CA ASP C 57 -23.37 -5.12 -2.33
C ASP C 57 -22.66 -6.12 -1.46
N VAL C 58 -23.12 -6.24 -0.22
CA VAL C 58 -22.54 -7.21 0.66
C VAL C 58 -23.04 -8.52 0.06
N PRO C 59 -22.13 -9.49 -0.13
CA PRO C 59 -22.52 -10.78 -0.71
C PRO C 59 -23.72 -11.39 0.02
N GLU C 60 -24.64 -11.92 -0.79
CA GLU C 60 -25.85 -12.55 -0.29
C GLU C 60 -25.53 -13.67 0.70
N GLY C 61 -26.27 -13.70 1.80
CA GLY C 61 -26.06 -14.73 2.80
C GLY C 61 -24.85 -14.47 3.68
N PHE C 62 -24.36 -13.24 3.70
CA PHE C 62 -23.23 -12.93 4.54
C PHE C 62 -23.69 -12.88 6.00
N CYS C 63 -24.76 -12.13 6.28
CA CYS C 63 -25.31 -12.04 7.62
C CYS C 63 -26.76 -11.60 7.54
N GLU C 64 -27.42 -11.48 8.69
CA GLU C 64 -28.82 -11.06 8.70
C GLU C 64 -29.08 -10.04 9.76
N VAL C 65 -30.07 -9.20 9.49
CA VAL C 65 -30.46 -8.17 10.44
C VAL C 65 -30.81 -8.87 11.77
N GLY C 66 -30.38 -8.29 12.88
CA GLY C 66 -30.66 -8.89 14.17
C GLY C 66 -29.46 -9.68 14.67
N ASP C 67 -28.56 -10.06 13.77
CA ASP C 67 -27.37 -10.80 14.18
C ASP C 67 -26.42 -9.99 15.04
N LEU C 68 -25.94 -10.64 16.08
CA LEU C 68 -25.02 -10.02 17.00
C LEU C 68 -23.59 -10.36 16.58
N THR C 69 -22.70 -9.38 16.72
CA THR C 69 -21.29 -9.58 16.34
C THR C 69 -20.40 -8.71 17.21
N SER C 70 -19.09 -8.82 16.97
CA SER C 70 -18.13 -8.03 17.72
C SER C 70 -17.13 -7.42 16.77
N LEU C 71 -16.89 -6.13 16.93
CA LEU C 71 -15.94 -5.42 16.11
C LEU C 71 -15.04 -4.56 16.95
N PRO C 72 -13.76 -4.42 16.57
CA PRO C 72 -12.85 -3.58 17.35
C PRO C 72 -13.27 -2.15 17.11
N VAL C 73 -13.19 -1.32 18.15
CA VAL C 73 -13.56 0.08 18.06
C VAL C 73 -12.87 0.72 16.87
N GLY C 74 -11.65 0.31 16.58
CA GLY C 74 -10.94 0.93 15.49
C GLY C 74 -11.42 0.56 14.12
N GLN C 75 -12.25 -0.46 14.00
CA GLN C 75 -12.74 -0.89 12.69
C GLN C 75 -14.04 -0.26 12.29
N ILE C 76 -14.74 0.30 13.26
CA ILE C 76 -16.02 0.88 13.00
C ILE C 76 -16.02 2.37 13.12
N ARG C 77 -17.01 2.96 12.49
CA ARG C 77 -17.14 4.40 12.51
C ARG C 77 -18.54 4.78 12.99
N ASN C 78 -18.62 5.74 13.89
CA ASN C 78 -19.90 6.22 14.40
C ASN C 78 -20.68 6.92 13.29
N VAL C 79 -21.98 6.68 13.25
CA VAL C 79 -22.87 7.27 12.26
C VAL C 79 -23.89 8.11 13.05
N PRO C 80 -24.17 9.36 12.60
CA PRO C 80 -25.14 10.22 13.29
C PRO C 80 -26.50 9.54 13.34
N HIS C 81 -27.17 9.61 14.48
CA HIS C 81 -28.47 8.99 14.60
C HIS C 81 -29.43 9.63 13.58
N PRO C 82 -30.27 8.83 12.89
CA PRO C 82 -31.18 9.43 11.91
C PRO C 82 -31.98 10.62 12.43
N PHE C 83 -32.30 10.68 13.73
CA PHE C 83 -33.05 11.82 14.31
C PHE C 83 -32.23 13.08 14.40
N VAL C 84 -30.95 12.91 14.55
CA VAL C 84 -30.10 14.07 14.61
C VAL C 84 -29.90 14.50 13.15
N ALA C 85 -29.69 13.52 12.29
CA ALA C 85 -29.51 13.77 10.88
C ALA C 85 -30.74 14.45 10.27
N LEU C 86 -31.92 13.98 10.64
CA LEU C 86 -33.15 14.55 10.11
C LEU C 86 -33.55 15.78 10.92
N GLY C 87 -32.61 16.29 11.71
CA GLY C 87 -32.84 17.47 12.53
C GLY C 87 -34.05 17.52 13.44
N LEU C 88 -34.15 16.59 14.37
CA LEU C 88 -35.31 16.67 15.23
C LEU C 88 -34.85 16.68 16.66
N LYS C 89 -33.73 16.03 16.89
CA LYS C 89 -33.21 15.92 18.23
C LYS C 89 -31.74 16.24 18.28
N GLN C 90 -31.31 16.76 19.43
CA GLN C 90 -29.92 17.07 19.64
C GLN C 90 -29.37 15.72 20.09
N PRO C 91 -28.20 15.34 19.58
CA PRO C 91 -27.50 14.08 19.89
C PRO C 91 -27.49 13.65 21.35
N LYS C 92 -27.47 14.62 22.26
CA LYS C 92 -27.46 14.34 23.70
C LYS C 92 -28.67 13.54 24.15
N GLU C 93 -29.81 13.77 23.52
CA GLU C 93 -31.01 13.06 23.89
C GLU C 93 -31.22 11.82 23.06
N ILE C 94 -30.12 11.31 22.51
CA ILE C 94 -30.19 10.08 21.73
C ILE C 94 -29.42 9.04 22.52
N LYS C 95 -30.01 7.85 22.66
CA LYS C 95 -29.38 6.76 23.40
C LYS C 95 -28.82 5.66 22.47
N GLN C 96 -29.52 5.38 21.37
CA GLN C 96 -29.12 4.38 20.39
C GLN C 96 -27.90 4.86 19.61
N LYS C 97 -26.85 4.05 19.58
CA LYS C 97 -25.64 4.42 18.87
C LYS C 97 -25.49 3.55 17.62
N PHE C 98 -25.49 4.19 16.46
CA PHE C 98 -25.32 3.49 15.19
C PHE C 98 -23.88 3.61 14.75
N VAL C 99 -23.35 2.53 14.18
CA VAL C 99 -21.98 2.52 13.68
C VAL C 99 -21.98 1.80 12.36
N THR C 100 -20.92 2.00 11.61
CA THR C 100 -20.80 1.35 10.32
C THR C 100 -19.41 0.80 10.13
N CYS C 101 -19.32 -0.14 9.20
CA CYS C 101 -18.05 -0.72 8.84
C CYS C 101 -18.25 -1.51 7.55
N HIS C 102 -17.15 -1.78 6.90
CA HIS C 102 -17.17 -2.54 5.67
C HIS C 102 -17.45 -4.00 6.04
N TYR C 103 -18.16 -4.74 5.20
CA TYR C 103 -18.47 -6.12 5.57
C TYR C 103 -17.26 -7.03 5.79
N LYS C 104 -16.17 -6.73 5.10
CA LYS C 104 -14.95 -7.52 5.23
C LYS C 104 -14.27 -7.38 6.59
N ALA C 105 -14.75 -6.45 7.40
CA ALA C 105 -14.19 -6.27 8.73
C ALA C 105 -14.90 -7.17 9.74
N ILE C 106 -15.99 -7.81 9.32
CA ILE C 106 -16.76 -8.67 10.21
C ILE C 106 -16.26 -10.09 10.15
N PRO C 107 -15.72 -10.59 11.26
CA PRO C 107 -15.19 -11.94 11.31
C PRO C 107 -16.14 -13.04 11.81
N CYS C 108 -17.14 -12.67 12.63
CA CYS C 108 -18.06 -13.66 13.19
C CYS C 108 -19.43 -13.14 13.59
N LEU C 109 -20.32 -14.10 13.87
CA LEU C 109 -21.68 -13.83 14.31
C LEU C 109 -21.92 -14.75 15.51
N TYR C 110 -22.59 -14.23 16.52
CA TYR C 110 -22.92 -15.05 17.68
C TYR C 110 -24.28 -15.72 17.49
N LYS C 111 -24.34 -16.68 16.59
CA LYS C 111 -25.54 -17.44 16.32
C LYS C 111 -25.06 -18.86 15.93
N GLN D 5 -32.26 23.44 -7.88
CA GLN D 5 -31.07 23.00 -7.10
C GLN D 5 -29.86 22.68 -8.01
N GLN D 6 -30.15 22.16 -9.20
CA GLN D 6 -29.11 21.79 -10.15
C GLN D 6 -28.48 22.98 -10.91
N LEU D 7 -27.19 23.20 -10.65
CA LEU D 7 -26.37 24.24 -11.25
C LEU D 7 -25.49 23.61 -12.35
N PRO D 8 -24.64 24.41 -13.02
CA PRO D 8 -23.79 23.81 -14.07
C PRO D 8 -22.58 22.99 -13.55
N ILE D 9 -22.79 22.12 -12.56
CA ILE D 9 -21.71 21.31 -12.00
C ILE D 9 -22.14 19.85 -11.97
N ARG D 10 -21.34 18.98 -12.56
CA ARG D 10 -21.65 17.56 -12.60
C ARG D 10 -20.47 16.71 -12.14
N ALA D 11 -20.79 15.57 -11.53
CA ALA D 11 -19.80 14.65 -11.03
C ALA D 11 -19.39 13.74 -12.19
N VAL D 12 -18.11 13.39 -12.25
CA VAL D 12 -17.63 12.51 -13.29
C VAL D 12 -17.05 11.26 -12.67
N GLY D 13 -16.86 10.24 -13.49
CA GLY D 13 -16.31 9.00 -13.01
C GLY D 13 -17.07 8.40 -11.85
N GLU D 14 -16.30 7.94 -10.86
CA GLU D 14 -16.87 7.31 -9.68
C GLU D 14 -17.09 8.26 -8.53
N TYR D 15 -17.06 9.55 -8.82
CA TYR D 15 -17.28 10.54 -7.78
C TYR D 15 -18.73 10.90 -7.60
N VAL D 16 -19.00 11.59 -6.50
CA VAL D 16 -20.33 12.01 -6.17
C VAL D 16 -20.18 13.41 -5.59
N ILE D 17 -21.05 14.32 -6.01
CA ILE D 17 -21.03 15.69 -5.53
C ILE D 17 -22.22 15.89 -4.63
N LEU D 18 -21.97 16.39 -3.44
CA LEU D 18 -23.00 16.60 -2.44
C LEU D 18 -23.02 18.06 -2.08
N VAL D 19 -24.04 18.45 -1.33
CA VAL D 19 -24.15 19.82 -0.86
C VAL D 19 -24.35 19.74 0.65
N SER D 20 -23.46 20.39 1.38
CA SER D 20 -23.51 20.41 2.82
C SER D 20 -24.75 21.06 3.39
N GLU D 21 -25.22 20.50 4.49
CA GLU D 21 -26.39 21.01 5.18
C GLU D 21 -26.06 22.19 6.08
N PRO D 22 -26.97 23.16 6.15
CA PRO D 22 -26.84 24.38 6.95
C PRO D 22 -26.41 24.13 8.43
N ALA D 23 -27.07 23.16 9.09
CA ALA D 23 -26.73 22.85 10.47
C ALA D 23 -25.87 21.59 10.54
N GLN D 24 -24.84 21.65 11.38
CA GLN D 24 -23.89 20.54 11.58
C GLN D 24 -23.50 20.49 13.04
N ALA D 25 -22.50 19.66 13.33
CA ALA D 25 -21.98 19.48 14.69
C ALA D 25 -21.46 20.78 15.30
N GLY D 26 -21.20 21.78 14.44
CA GLY D 26 -20.68 23.07 14.88
C GLY D 26 -21.42 23.80 15.98
N ASP D 27 -22.54 23.24 16.44
CA ASP D 27 -23.33 23.86 17.50
C ASP D 27 -22.89 23.52 18.93
N GLU D 28 -22.51 22.26 19.18
CA GLU D 28 -22.07 21.84 20.53
C GLU D 28 -20.68 22.33 20.86
N GLU D 29 -20.56 23.65 20.99
CA GLU D 29 -19.29 24.29 21.29
C GLU D 29 -19.02 24.36 22.80
N VAL D 30 -19.48 23.33 23.51
CA VAL D 30 -19.31 23.26 24.95
C VAL D 30 -17.86 22.90 25.32
N THR D 31 -17.09 22.41 24.35
CA THR D 31 -15.70 22.02 24.59
C THR D 31 -14.84 23.19 25.03
N GLU D 32 -14.09 22.96 26.10
CA GLU D 32 -13.18 23.92 26.72
C GLU D 32 -12.41 24.78 25.71
N SER D 33 -12.56 26.10 25.83
CA SER D 33 -11.87 27.01 24.93
C SER D 33 -10.39 26.93 25.16
N GLY D 34 -9.63 27.21 24.11
CA GLY D 34 -8.18 27.18 24.24
C GLY D 34 -7.53 25.82 24.07
N LEU D 35 -8.30 24.80 23.71
CA LEU D 35 -7.68 23.50 23.47
C LEU D 35 -7.32 23.37 22.00
N ILE D 36 -6.15 22.79 21.74
CA ILE D 36 -5.67 22.56 20.40
C ILE D 36 -6.25 21.24 19.93
N ILE D 37 -7.01 21.28 18.84
CA ILE D 37 -7.64 20.06 18.31
C ILE D 37 -6.83 19.42 17.17
N GLY D 38 -6.51 18.14 17.35
CA GLY D 38 -5.75 17.44 16.35
C GLY D 38 -6.51 17.27 15.05
N LYS D 39 -5.73 16.91 14.02
CA LYS D 39 -6.27 16.75 12.69
C LYS D 39 -7.11 15.49 12.57
N ARG D 40 -6.72 14.42 13.27
CA ARG D 40 -7.52 13.17 13.24
C ARG D 40 -8.92 13.40 13.79
N VAL D 41 -8.97 14.11 14.91
CA VAL D 41 -10.24 14.42 15.55
C VAL D 41 -11.09 15.23 14.58
N GLN D 42 -10.52 16.33 14.06
CA GLN D 42 -11.26 17.17 13.10
C GLN D 42 -11.71 16.37 11.91
N GLY D 43 -10.89 15.44 11.45
CA GLY D 43 -11.28 14.66 10.28
C GLY D 43 -12.41 13.69 10.53
N GLU D 44 -12.66 13.37 11.81
CA GLU D 44 -13.70 12.42 12.22
C GLU D 44 -15.08 13.00 12.27
N VAL D 45 -15.16 14.32 12.50
CA VAL D 45 -16.43 15.02 12.57
C VAL D 45 -17.28 14.72 11.33
N PRO D 46 -18.54 14.30 11.54
CA PRO D 46 -19.44 13.99 10.43
C PRO D 46 -19.94 15.25 9.78
N GLU D 47 -20.28 15.14 8.53
CA GLU D 47 -20.80 16.26 7.76
C GLU D 47 -22.08 15.71 7.08
N LEU D 48 -23.22 16.33 7.36
CA LEU D 48 -24.50 15.94 6.75
C LEU D 48 -24.56 16.58 5.37
N CYS D 49 -24.85 15.78 4.35
CA CYS D 49 -24.88 16.30 2.98
C CYS D 49 -25.97 15.69 2.17
N VAL D 50 -26.27 16.39 1.09
CA VAL D 50 -27.31 15.93 0.19
C VAL D 50 -26.71 15.70 -1.16
N VAL D 51 -27.02 14.54 -1.72
CA VAL D 51 -26.52 14.17 -3.03
C VAL D 51 -27.04 15.16 -4.05
N HIS D 52 -26.13 15.74 -4.80
CA HIS D 52 -26.50 16.70 -5.82
C HIS D 52 -26.27 16.10 -7.21
N SER D 53 -25.21 15.29 -7.34
CA SER D 53 -24.90 14.70 -8.64
C SER D 53 -24.08 13.42 -8.46
N VAL D 54 -24.38 12.39 -9.23
CA VAL D 54 -23.69 11.11 -9.15
C VAL D 54 -22.92 10.83 -10.44
N GLY D 55 -21.62 10.60 -10.32
CA GLY D 55 -20.79 10.30 -11.47
C GLY D 55 -21.33 9.12 -12.27
N PRO D 56 -21.20 9.15 -13.60
CA PRO D 56 -21.67 8.10 -14.50
C PRO D 56 -21.07 6.74 -14.26
N ASP D 57 -20.01 6.67 -13.46
CA ASP D 57 -19.38 5.38 -13.19
C ASP D 57 -19.75 4.81 -11.85
N VAL D 58 -20.51 5.57 -11.08
CA VAL D 58 -20.96 5.07 -9.81
C VAL D 58 -21.98 4.00 -10.22
N PRO D 59 -21.89 2.80 -9.64
CA PRO D 59 -22.82 1.71 -9.96
C PRO D 59 -24.26 2.17 -9.89
N GLU D 60 -25.03 1.73 -10.89
CA GLU D 60 -26.44 2.07 -10.99
C GLU D 60 -27.21 1.64 -9.75
N GLY D 61 -28.07 2.52 -9.26
CA GLY D 61 -28.85 2.19 -8.08
C GLY D 61 -28.07 2.33 -6.79
N PHE D 62 -26.94 3.05 -6.83
CA PHE D 62 -26.18 3.24 -5.62
C PHE D 62 -26.89 4.23 -4.71
N CYS D 63 -27.27 5.39 -5.26
CA CYS D 63 -27.99 6.41 -4.50
C CYS D 63 -28.74 7.30 -5.48
N GLU D 64 -29.48 8.28 -4.96
CA GLU D 64 -30.22 9.21 -5.81
C GLU D 64 -30.06 10.63 -5.37
N VAL D 65 -30.17 11.53 -6.33
CA VAL D 65 -30.07 12.94 -6.05
C VAL D 65 -31.14 13.28 -5.01
N GLY D 66 -30.78 14.12 -4.03
CA GLY D 66 -31.72 14.48 -3.00
C GLY D 66 -31.51 13.66 -1.74
N ASP D 67 -30.84 12.52 -1.87
CA ASP D 67 -30.57 11.67 -0.71
C ASP D 67 -29.61 12.30 0.28
N LEU D 68 -29.97 12.19 1.53
CA LEU D 68 -29.18 12.73 2.61
C LEU D 68 -28.27 11.65 3.13
N THR D 69 -27.03 12.02 3.47
CA THR D 69 -26.06 11.09 4.01
C THR D 69 -25.10 11.79 4.97
N SER D 70 -24.18 11.02 5.52
CA SER D 70 -23.20 11.57 6.44
C SER D 70 -21.80 11.08 6.08
N LEU D 71 -20.87 12.04 5.98
CA LEU D 71 -19.49 11.73 5.64
C LEU D 71 -18.53 12.41 6.58
N PRO D 72 -17.43 11.75 6.95
CA PRO D 72 -16.49 12.38 7.87
C PRO D 72 -15.80 13.48 7.07
N VAL D 73 -15.56 14.61 7.71
CA VAL D 73 -14.90 15.73 7.09
C VAL D 73 -13.63 15.30 6.32
N GLY D 74 -12.91 14.33 6.88
CA GLY D 74 -11.69 13.88 6.25
C GLY D 74 -11.90 13.07 4.99
N GLN D 75 -13.12 12.64 4.71
CA GLN D 75 -13.36 11.84 3.52
C GLN D 75 -13.80 12.64 2.31
N ILE D 76 -14.24 13.86 2.58
CA ILE D 76 -14.71 14.69 1.50
C ILE D 76 -13.78 15.84 1.21
N ARG D 77 -13.93 16.38 0.03
CA ARG D 77 -13.12 17.49 -0.40
C ARG D 77 -14.03 18.62 -0.90
N ASN D 78 -13.75 19.85 -0.46
CA ASN D 78 -14.52 21.03 -0.87
C ASN D 78 -14.33 21.26 -2.34
N VAL D 79 -15.40 21.63 -3.03
CA VAL D 79 -15.38 21.92 -4.46
C VAL D 79 -15.82 23.40 -4.61
N PRO D 80 -15.09 24.18 -5.43
CA PRO D 80 -15.44 25.60 -5.63
C PRO D 80 -16.85 25.72 -6.16
N HIS D 81 -17.61 26.65 -5.61
CA HIS D 81 -18.99 26.85 -6.07
C HIS D 81 -18.98 27.19 -7.58
N PRO D 82 -19.88 26.56 -8.39
CA PRO D 82 -19.88 26.87 -9.82
C PRO D 82 -19.85 28.36 -10.17
N PHE D 83 -20.51 29.21 -9.38
CA PHE D 83 -20.45 30.62 -9.71
C PHE D 83 -19.09 31.20 -9.49
N VAL D 84 -18.35 30.73 -8.49
CA VAL D 84 -17.00 31.26 -8.28
C VAL D 84 -16.16 30.74 -9.44
N ALA D 85 -16.39 29.47 -9.77
CA ALA D 85 -15.68 28.81 -10.85
C ALA D 85 -15.96 29.52 -12.17
N LEU D 86 -17.22 29.86 -12.40
CA LEU D 86 -17.59 30.54 -13.63
C LEU D 86 -17.37 32.05 -13.51
N GLY D 87 -16.57 32.44 -12.51
CA GLY D 87 -16.24 33.84 -12.28
C GLY D 87 -17.41 34.81 -12.29
N LEU D 88 -18.57 34.33 -11.86
CA LEU D 88 -19.79 35.14 -11.82
C LEU D 88 -19.95 35.77 -10.43
N LYS D 89 -19.58 35.05 -9.38
CA LYS D 89 -19.71 35.60 -8.03
C LYS D 89 -18.41 35.40 -7.26
N GLN D 90 -18.35 35.92 -6.04
CA GLN D 90 -17.14 35.79 -5.22
C GLN D 90 -17.43 34.75 -4.15
N PRO D 91 -16.36 34.14 -3.58
CA PRO D 91 -16.53 33.12 -2.53
C PRO D 91 -17.28 33.58 -1.28
N LYS D 92 -16.93 34.76 -0.77
CA LYS D 92 -17.54 35.33 0.44
C LYS D 92 -19.04 35.49 0.39
N GLU D 93 -19.55 35.77 -0.79
CA GLU D 93 -20.98 35.95 -0.93
C GLU D 93 -21.66 34.66 -1.43
N ILE D 94 -21.05 33.51 -1.16
CA ILE D 94 -21.64 32.23 -1.56
C ILE D 94 -22.00 31.49 -0.28
N LYS D 95 -23.23 30.96 -0.23
CA LYS D 95 -23.70 30.23 0.94
C LYS D 95 -23.61 28.72 0.82
N GLN D 96 -24.05 28.19 -0.30
CA GLN D 96 -24.02 26.75 -0.57
C GLN D 96 -22.61 26.22 -0.65
N LYS D 97 -22.37 25.11 0.03
CA LYS D 97 -21.05 24.51 0.01
C LYS D 97 -21.14 23.18 -0.69
N PHE D 98 -20.38 23.03 -1.76
CA PHE D 98 -20.35 21.78 -2.50
C PHE D 98 -19.11 21.01 -2.09
N VAL D 99 -19.25 19.70 -1.96
CA VAL D 99 -18.13 18.84 -1.62
C VAL D 99 -18.20 17.62 -2.50
N THR D 100 -17.10 16.89 -2.56
CA THR D 100 -17.07 15.70 -3.37
C THR D 100 -16.36 14.58 -2.61
N CYS D 101 -16.61 13.36 -3.06
CA CYS D 101 -15.96 12.20 -2.50
C CYS D 101 -16.23 11.04 -3.44
N HIS D 102 -15.42 10.00 -3.29
CA HIS D 102 -15.57 8.81 -4.09
C HIS D 102 -16.80 8.07 -3.57
N TYR D 103 -17.53 7.38 -4.44
CA TYR D 103 -18.74 6.69 -3.95
C TYR D 103 -18.48 5.63 -2.88
N LYS D 104 -17.32 5.01 -2.93
CA LYS D 104 -16.99 3.97 -1.95
C LYS D 104 -16.82 4.51 -0.53
N ALA D 105 -16.78 5.82 -0.37
CA ALA D 105 -16.64 6.40 0.94
C ALA D 105 -18.01 6.61 1.58
N ILE D 106 -19.07 6.38 0.82
CA ILE D 106 -20.44 6.55 1.35
C ILE D 106 -20.95 5.26 1.92
N PRO D 107 -21.20 5.26 3.23
CA PRO D 107 -21.68 4.07 3.90
C PRO D 107 -23.23 3.96 4.06
N CYS D 108 -23.94 5.09 4.10
CA CYS D 108 -25.38 5.04 4.30
C CYS D 108 -26.16 6.21 3.72
N LEU D 109 -27.49 6.05 3.73
CA LEU D 109 -28.43 7.07 3.27
C LEU D 109 -29.52 7.15 4.32
N TYR D 110 -29.96 8.35 4.64
CA TYR D 110 -31.02 8.51 5.61
C TYR D 110 -32.36 8.49 4.88
N LYS D 111 -32.66 7.31 4.35
CA LYS D 111 -33.92 7.07 3.65
C LYS D 111 -34.45 5.69 4.11
N GLN E 5 -6.59 26.98 -29.48
CA GLN E 5 -6.16 26.56 -28.14
C GLN E 5 -5.09 25.43 -28.18
N GLN E 6 -5.21 24.47 -29.08
CA GLN E 6 -4.25 23.36 -29.13
C GLN E 6 -2.80 23.68 -29.49
N LEU E 7 -1.87 23.42 -28.58
CA LEU E 7 -0.45 23.64 -28.81
C LEU E 7 0.11 22.25 -29.12
N PRO E 8 1.41 22.15 -29.43
CA PRO E 8 2.02 20.85 -29.74
C PRO E 8 2.39 20.07 -28.46
N ILE E 9 1.35 19.59 -27.79
CA ILE E 9 1.50 18.83 -26.56
C ILE E 9 0.25 17.99 -26.42
N ARG E 10 0.45 16.68 -26.25
CA ARG E 10 -0.68 15.76 -26.12
C ARG E 10 -0.52 14.88 -24.89
N ALA E 11 -1.65 14.51 -24.29
CA ALA E 11 -1.68 13.65 -23.13
C ALA E 11 -1.61 12.21 -23.61
N VAL E 12 -0.90 11.35 -22.88
CA VAL E 12 -0.82 9.95 -23.26
C VAL E 12 -1.42 9.10 -22.14
N GLY E 13 -1.68 7.84 -22.46
CA GLY E 13 -2.23 6.92 -21.47
C GLY E 13 -3.48 7.42 -20.79
N GLU E 14 -3.51 7.28 -19.47
CA GLU E 14 -4.65 7.68 -18.68
C GLU E 14 -4.54 9.08 -18.11
N TYR E 15 -3.61 9.86 -18.64
CA TYR E 15 -3.43 11.23 -18.16
C TYR E 15 -4.28 12.23 -18.89
N VAL E 16 -4.35 13.42 -18.31
CA VAL E 16 -5.12 14.49 -18.87
C VAL E 16 -4.30 15.74 -18.65
N ILE E 17 -4.22 16.57 -19.69
CA ILE E 17 -3.48 17.82 -19.62
C ILE E 17 -4.46 18.96 -19.59
N LEU E 18 -4.29 19.83 -18.61
CA LEU E 18 -5.17 20.95 -18.43
C LEU E 18 -4.36 22.22 -18.50
N VAL E 19 -5.06 23.35 -18.54
CA VAL E 19 -4.41 24.64 -18.56
C VAL E 19 -5.04 25.44 -17.44
N SER E 20 -4.19 25.90 -16.54
CA SER E 20 -4.65 26.69 -15.42
C SER E 20 -5.26 28.00 -15.79
N GLU E 21 -6.24 28.39 -14.99
CA GLU E 21 -6.94 29.63 -15.17
C GLU E 21 -6.21 30.81 -14.59
N PRO E 22 -6.30 31.96 -15.27
CA PRO E 22 -5.68 33.23 -14.90
C PRO E 22 -5.95 33.60 -13.45
N ALA E 23 -7.20 33.53 -13.03
CA ALA E 23 -7.52 33.87 -11.66
C ALA E 23 -7.90 32.64 -10.86
N GLN E 24 -7.33 32.56 -9.66
CA GLN E 24 -7.55 31.47 -8.73
C GLN E 24 -7.90 32.19 -7.45
N ALA E 25 -8.45 31.49 -6.46
CA ALA E 25 -8.79 32.14 -5.20
C ALA E 25 -7.58 32.74 -4.44
N GLY E 26 -6.40 32.73 -5.07
CA GLY E 26 -5.20 33.29 -4.47
C GLY E 26 -5.24 34.81 -4.54
N ASP E 27 -6.40 35.35 -4.17
CA ASP E 27 -6.69 36.78 -4.14
C ASP E 27 -7.00 37.03 -2.67
N GLU E 28 -7.25 35.95 -1.93
CA GLU E 28 -7.56 36.00 -0.50
C GLU E 28 -6.24 36.18 0.24
N GLU E 29 -5.55 37.27 -0.09
CA GLU E 29 -4.28 37.62 0.51
C GLU E 29 -4.54 38.28 1.87
N VAL E 30 -5.62 37.85 2.53
CA VAL E 30 -6.03 38.40 3.82
C VAL E 30 -5.54 37.53 4.98
N THR E 31 -4.51 36.73 4.72
CA THR E 31 -3.93 35.88 5.74
C THR E 31 -2.89 36.75 6.44
N GLU E 32 -2.73 36.56 7.75
CA GLU E 32 -1.76 37.32 8.53
C GLU E 32 -0.38 37.06 7.90
N SER E 33 0.38 38.14 7.64
CA SER E 33 1.72 38.03 7.04
C SER E 33 2.76 37.36 7.94
N GLY E 34 3.76 36.72 7.32
CA GLY E 34 4.82 36.07 8.08
C GLY E 34 4.44 34.75 8.74
N LEU E 35 3.35 34.15 8.30
CA LEU E 35 2.92 32.86 8.84
C LEU E 35 3.48 31.76 7.96
N ILE E 36 3.87 30.66 8.58
CA ILE E 36 4.41 29.57 7.83
C ILE E 36 3.28 28.62 7.45
N ILE E 37 3.08 28.43 6.16
CA ILE E 37 2.02 27.55 5.67
C ILE E 37 2.52 26.12 5.38
N GLY E 38 1.86 25.14 5.97
CA GLY E 38 2.27 23.77 5.78
C GLY E 38 2.02 23.30 4.37
N LYS E 39 2.63 22.17 4.04
CA LYS E 39 2.49 21.59 2.71
C LYS E 39 1.11 20.99 2.49
N ARG E 40 0.50 20.39 3.53
CA ARG E 40 -0.84 19.80 3.40
C ARG E 40 -1.84 20.87 2.99
N VAL E 41 -1.78 21.98 3.71
CA VAL E 41 -2.64 23.12 3.45
C VAL E 41 -2.45 23.58 2.00
N GLN E 42 -1.20 23.87 1.62
CA GLN E 42 -0.94 24.31 0.26
C GLN E 42 -1.43 23.29 -0.76
N GLY E 43 -1.31 22.01 -0.44
CA GLY E 43 -1.73 20.99 -1.40
C GLY E 43 -3.23 20.92 -1.57
N GLU E 44 -3.98 21.44 -0.58
CA GLU E 44 -5.46 21.42 -0.59
C GLU E 44 -6.06 22.50 -1.46
N VAL E 45 -5.34 23.60 -1.63
CA VAL E 45 -5.82 24.71 -2.44
C VAL E 45 -6.27 24.22 -3.82
N PRO E 46 -7.50 24.57 -4.24
CA PRO E 46 -8.04 24.16 -5.54
C PRO E 46 -7.41 24.98 -6.66
N GLU E 47 -7.39 24.38 -7.84
CA GLU E 47 -6.83 24.99 -9.04
C GLU E 47 -7.88 24.82 -10.14
N LEU E 48 -8.35 25.95 -10.66
CA LEU E 48 -9.34 25.93 -11.74
C LEU E 48 -8.57 25.70 -13.04
N CYS E 49 -8.98 24.70 -13.82
CA CYS E 49 -8.28 24.38 -15.05
C CYS E 49 -9.21 23.99 -16.14
N VAL E 50 -8.67 24.07 -17.35
CA VAL E 50 -9.45 23.73 -18.51
C VAL E 50 -8.77 22.61 -19.21
N VAL E 51 -9.55 21.60 -19.56
CA VAL E 51 -9.06 20.43 -20.23
C VAL E 51 -8.53 20.84 -21.58
N HIS E 52 -7.29 20.48 -21.84
CA HIS E 52 -6.66 20.82 -23.09
C HIS E 52 -6.47 19.55 -23.92
N SER E 53 -6.18 18.43 -23.27
CA SER E 53 -5.96 17.18 -23.98
C SER E 53 -6.24 15.98 -23.09
N VAL E 54 -6.89 14.96 -23.63
CA VAL E 54 -7.25 13.75 -22.88
C VAL E 54 -6.52 12.53 -23.41
N GLY E 55 -5.76 11.86 -22.56
CA GLY E 55 -5.04 10.68 -22.98
C GLY E 55 -5.94 9.64 -23.63
N PRO E 56 -5.44 8.92 -24.62
CA PRO E 56 -6.19 7.88 -25.34
C PRO E 56 -6.70 6.73 -24.48
N ASP E 57 -6.23 6.63 -23.24
CA ASP E 57 -6.66 5.55 -22.37
C ASP E 57 -7.68 6.01 -21.35
N VAL E 58 -7.97 7.30 -21.35
CA VAL E 58 -8.98 7.81 -20.45
C VAL E 58 -10.26 7.26 -21.06
N PRO E 59 -11.13 6.63 -20.25
CA PRO E 59 -12.38 6.08 -20.76
C PRO E 59 -13.14 7.09 -21.60
N GLU E 60 -13.67 6.59 -22.71
CA GLU E 60 -14.43 7.40 -23.63
C GLU E 60 -15.61 8.07 -22.94
N GLY E 61 -15.82 9.35 -23.23
CA GLY E 61 -16.91 10.06 -22.63
C GLY E 61 -16.65 10.49 -21.19
N PHE E 62 -15.39 10.51 -20.80
CA PHE E 62 -15.06 10.94 -19.45
C PHE E 62 -15.19 12.45 -19.36
N CYS E 63 -14.56 13.17 -20.29
CA CYS E 63 -14.66 14.64 -20.32
C CYS E 63 -14.33 15.12 -21.73
N GLU E 64 -14.39 16.44 -21.96
CA GLU E 64 -14.09 16.99 -23.27
C GLU E 64 -13.18 18.21 -23.19
N VAL E 65 -12.40 18.40 -24.24
CA VAL E 65 -11.51 19.54 -24.30
C VAL E 65 -12.36 20.80 -24.13
N GLY E 66 -11.87 21.74 -23.35
CA GLY E 66 -12.61 22.95 -23.13
C GLY E 66 -13.32 22.92 -21.81
N ASP E 67 -13.54 21.73 -21.28
CA ASP E 67 -14.22 21.60 -19.98
C ASP E 67 -13.42 22.16 -18.82
N LEU E 68 -14.12 22.89 -17.96
CA LEU E 68 -13.52 23.49 -16.82
C LEU E 68 -13.70 22.56 -15.62
N THR E 69 -12.68 22.47 -14.79
CA THR E 69 -12.74 21.61 -13.61
C THR E 69 -11.91 22.23 -12.46
N SER E 70 -11.89 21.55 -11.33
CA SER E 70 -11.11 22.00 -10.19
C SER E 70 -10.32 20.84 -9.61
N LEU E 71 -9.03 21.06 -9.40
CA LEU E 71 -8.14 20.04 -8.84
C LEU E 71 -7.29 20.62 -7.73
N PRO E 72 -7.01 19.83 -6.69
CA PRO E 72 -6.19 20.35 -5.59
C PRO E 72 -4.77 20.44 -6.13
N VAL E 73 -4.06 21.49 -5.73
CA VAL E 73 -2.69 21.69 -6.16
C VAL E 73 -1.86 20.42 -5.99
N GLY E 74 -2.12 19.71 -4.91
CA GLY E 74 -1.36 18.51 -4.66
C GLY E 74 -1.65 17.35 -5.60
N GLN E 75 -2.72 17.42 -6.37
CA GLN E 75 -3.06 16.31 -7.27
C GLN E 75 -2.51 16.48 -8.66
N ILE E 76 -2.10 17.69 -8.99
CA ILE E 76 -1.61 17.94 -10.33
C ILE E 76 -0.15 18.25 -10.31
N ARG E 77 0.45 18.07 -11.47
CA ARG E 77 1.85 18.30 -11.64
C ARG E 77 2.06 19.28 -12.82
N ASN E 78 2.92 20.27 -12.61
CA ASN E 78 3.24 21.25 -13.63
C ASN E 78 3.98 20.56 -14.79
N VAL E 79 3.66 20.95 -16.01
CA VAL E 79 4.27 20.42 -17.23
C VAL E 79 4.94 21.62 -17.92
N PRO E 80 6.18 21.45 -18.40
CA PRO E 80 6.90 22.53 -19.10
C PRO E 80 6.11 22.97 -20.33
N HIS E 81 5.98 24.27 -20.52
CA HIS E 81 5.25 24.77 -21.68
C HIS E 81 5.91 24.23 -22.96
N PRO E 82 5.11 23.76 -23.94
CA PRO E 82 5.71 23.25 -25.18
C PRO E 82 6.79 24.15 -25.81
N PHE E 83 6.64 25.46 -25.62
CA PHE E 83 7.59 26.43 -26.16
C PHE E 83 8.93 26.30 -25.52
N VAL E 84 8.92 26.08 -24.21
CA VAL E 84 10.17 25.95 -23.47
C VAL E 84 10.74 24.60 -23.82
N ALA E 85 9.87 23.61 -23.90
CA ALA E 85 10.25 22.24 -24.23
C ALA E 85 10.89 22.18 -25.61
N LEU E 86 10.27 22.88 -26.56
CA LEU E 86 10.79 22.90 -27.92
C LEU E 86 11.89 23.96 -28.07
N GLY E 87 12.42 24.43 -26.93
CA GLY E 87 13.47 25.43 -26.92
C GLY E 87 13.27 26.68 -27.77
N LEU E 88 12.04 27.21 -27.78
CA LEU E 88 11.63 28.42 -28.52
C LEU E 88 11.48 29.65 -27.64
N LYS E 89 10.95 29.45 -26.44
CA LYS E 89 10.76 30.55 -25.51
C LYS E 89 11.44 30.25 -24.17
N GLN E 90 11.66 31.30 -23.39
CA GLN E 90 12.31 31.19 -22.09
C GLN E 90 11.14 31.11 -21.10
N PRO E 91 11.22 30.21 -20.09
CA PRO E 91 10.14 30.04 -19.11
C PRO E 91 9.52 31.36 -18.63
N LYS E 92 10.39 32.29 -18.25
CA LYS E 92 9.95 33.58 -17.76
C LYS E 92 8.96 34.32 -18.65
N GLU E 93 9.14 34.18 -19.96
CA GLU E 93 8.24 34.86 -20.90
C GLU E 93 7.05 34.00 -21.27
N ILE E 94 6.75 32.99 -20.45
CA ILE E 94 5.60 32.12 -20.72
C ILE E 94 4.59 32.41 -19.63
N LYS E 95 3.33 32.64 -20.04
CA LYS E 95 2.27 32.96 -19.10
C LYS E 95 1.44 31.72 -18.81
N GLN E 96 0.97 31.07 -19.87
CA GLN E 96 0.17 29.86 -19.76
C GLN E 96 0.87 28.79 -18.91
N LYS E 97 0.10 28.18 -18.03
CA LYS E 97 0.63 27.15 -17.16
C LYS E 97 -0.10 25.82 -17.39
N PHE E 98 0.59 24.87 -18.04
CA PHE E 98 0.04 23.55 -18.31
C PHE E 98 0.31 22.63 -17.12
N VAL E 99 -0.67 21.81 -16.78
CA VAL E 99 -0.51 20.86 -15.68
C VAL E 99 -1.11 19.56 -16.12
N THR E 100 -0.76 18.51 -15.41
CA THR E 100 -1.27 17.19 -15.74
C THR E 100 -1.69 16.46 -14.49
N CYS E 101 -2.51 15.45 -14.69
CA CYS E 101 -2.97 14.61 -13.61
C CYS E 101 -3.64 13.39 -14.21
N HIS E 102 -3.75 12.34 -13.41
CA HIS E 102 -4.37 11.12 -13.84
C HIS E 102 -5.89 11.40 -13.90
N TYR E 103 -6.59 10.77 -14.83
CA TYR E 103 -8.03 11.06 -14.93
C TYR E 103 -8.84 10.72 -13.69
N LYS E 104 -8.38 9.73 -12.93
CA LYS E 104 -9.10 9.35 -11.71
C LYS E 104 -9.03 10.39 -10.61
N ALA E 105 -8.21 11.41 -10.80
CA ALA E 105 -8.12 12.46 -9.80
C ALA E 105 -9.16 13.54 -10.06
N ILE E 106 -9.84 13.45 -11.21
CA ILE E 106 -10.85 14.45 -11.59
C ILE E 106 -12.23 14.06 -11.08
N PRO E 107 -12.79 14.86 -10.17
CA PRO E 107 -14.10 14.56 -9.59
C PRO E 107 -15.30 15.22 -10.25
N CYS E 108 -15.10 16.37 -10.89
CA CYS E 108 -16.20 17.08 -11.50
C CYS E 108 -15.85 17.99 -12.68
N LEU E 109 -16.89 18.45 -13.36
CA LEU E 109 -16.79 19.37 -14.48
C LEU E 109 -17.84 20.45 -14.26
N TYR E 110 -17.48 21.70 -14.53
CA TYR E 110 -18.42 22.78 -14.37
C TYR E 110 -19.14 22.96 -15.71
N LYS E 111 -19.83 21.91 -16.13
CA LYS E 111 -20.57 21.93 -17.39
C LYS E 111 -22.02 21.46 -17.12
N GLN F 5 20.74 7.13 -34.13
CA GLN F 5 20.12 7.55 -32.82
C GLN F 5 20.08 6.39 -31.83
N GLN F 6 20.18 5.16 -32.34
CA GLN F 6 20.15 3.97 -31.49
C GLN F 6 21.56 3.47 -31.13
N LEU F 7 21.65 2.70 -30.04
CA LEU F 7 22.89 2.11 -29.52
C LEU F 7 22.52 0.71 -29.01
N PRO F 8 23.51 -0.13 -28.67
CA PRO F 8 23.13 -1.45 -28.16
C PRO F 8 22.54 -1.40 -26.74
N ILE F 9 21.29 -0.95 -26.63
CA ILE F 9 20.55 -0.88 -25.39
C ILE F 9 19.05 -0.85 -25.72
N ARG F 10 18.31 -1.78 -25.15
CA ARG F 10 16.87 -1.89 -25.40
C ARG F 10 16.08 -1.98 -24.11
N ALA F 11 14.87 -1.44 -24.15
CA ALA F 11 13.97 -1.44 -23.01
C ALA F 11 13.22 -2.77 -23.02
N VAL F 12 12.96 -3.32 -21.85
CA VAL F 12 12.23 -4.57 -21.74
C VAL F 12 10.97 -4.33 -20.94
N GLY F 13 10.06 -5.29 -21.04
CA GLY F 13 8.81 -5.20 -20.31
C GLY F 13 8.05 -3.92 -20.56
N GLU F 14 7.56 -3.33 -19.47
CA GLU F 14 6.78 -2.10 -19.55
C GLU F 14 7.60 -0.86 -19.35
N TYR F 15 8.93 -0.99 -19.48
CA TYR F 15 9.81 0.17 -19.33
C TYR F 15 10.03 0.91 -20.64
N VAL F 16 10.58 2.10 -20.50
CA VAL F 16 10.88 2.95 -21.64
C VAL F 16 12.23 3.60 -21.34
N ILE F 17 13.10 3.62 -22.34
CA ILE F 17 14.41 4.22 -22.19
C ILE F 17 14.43 5.51 -22.97
N LEU F 18 14.83 6.58 -22.31
CA LEU F 18 14.87 7.89 -22.92
C LEU F 18 16.27 8.40 -22.86
N VAL F 19 16.51 9.50 -23.57
CA VAL F 19 17.80 10.14 -23.55
C VAL F 19 17.56 11.61 -23.17
N SER F 20 18.21 12.04 -22.10
CA SER F 20 18.09 13.39 -21.62
C SER F 20 18.59 14.44 -22.58
N GLU F 21 17.88 15.57 -22.57
CA GLU F 21 18.16 16.74 -23.38
C GLU F 21 19.24 17.63 -22.80
N PRO F 22 20.12 18.18 -23.65
CA PRO F 22 21.24 19.06 -23.32
C PRO F 22 20.87 20.21 -22.37
N ALA F 23 19.85 20.97 -22.71
CA ALA F 23 19.43 22.06 -21.86
C ALA F 23 18.23 21.65 -21.01
N GLN F 24 18.24 22.05 -19.74
CA GLN F 24 17.18 21.75 -18.78
C GLN F 24 17.00 22.95 -17.86
N ALA F 25 16.24 22.77 -16.79
CA ALA F 25 15.95 23.83 -15.80
C ALA F 25 17.18 24.48 -15.12
N GLY F 26 18.13 23.66 -14.68
CA GLY F 26 19.35 24.11 -13.99
C GLY F 26 19.96 25.49 -14.22
N ASP F 27 19.72 26.07 -15.40
CA ASP F 27 20.23 27.39 -15.78
C ASP F 27 19.92 28.47 -14.74
N GLU F 28 18.69 28.49 -14.24
CA GLU F 28 18.32 29.49 -13.24
C GLU F 28 18.81 29.11 -11.87
N GLU F 29 20.10 29.34 -11.66
CA GLU F 29 20.73 29.10 -10.38
C GLU F 29 20.88 30.45 -9.72
N VAL F 30 20.12 31.41 -10.26
CA VAL F 30 20.08 32.79 -9.79
C VAL F 30 19.44 32.80 -8.39
N THR F 31 19.19 31.61 -7.86
CA THR F 31 18.61 31.43 -6.56
C THR F 31 19.72 31.78 -5.56
N GLU F 32 19.33 32.06 -4.34
CA GLU F 32 20.28 32.42 -3.32
C GLU F 32 21.27 31.25 -3.09
N SER F 33 22.57 31.52 -3.13
CA SER F 33 23.59 30.47 -2.92
C SER F 33 23.67 30.02 -1.48
N GLY F 34 24.05 28.77 -1.30
CA GLY F 34 24.17 28.23 0.06
C GLY F 34 22.88 27.81 0.74
N LEU F 35 21.82 27.62 -0.05
CA LEU F 35 20.54 27.17 0.50
C LEU F 35 20.53 25.66 0.35
N ILE F 36 20.01 24.98 1.36
CA ILE F 36 19.93 23.53 1.30
C ILE F 36 18.62 23.15 0.63
N ILE F 37 18.71 22.40 -0.48
CA ILE F 37 17.50 22.02 -1.21
C ILE F 37 17.01 20.61 -0.86
N GLY F 38 15.75 20.51 -0.46
CA GLY F 38 15.25 19.21 -0.05
C GLY F 38 15.15 18.27 -1.23
N LYS F 39 14.94 17.00 -0.87
CA LYS F 39 14.83 15.93 -1.86
C LYS F 39 13.54 15.97 -2.62
N ARG F 40 12.44 16.37 -1.98
CA ARG F 40 11.13 16.46 -2.67
C ARG F 40 11.22 17.50 -3.80
N VAL F 41 11.80 18.65 -3.49
CA VAL F 41 11.97 19.72 -4.45
C VAL F 41 12.81 19.22 -5.60
N GLN F 42 13.98 18.68 -5.29
CA GLN F 42 14.84 18.15 -6.36
C GLN F 42 14.13 17.10 -7.19
N GLY F 43 13.29 16.29 -6.56
CA GLY F 43 12.60 15.25 -7.30
C GLY F 43 11.55 15.77 -8.24
N GLU F 44 11.12 17.01 -7.97
CA GLU F 44 10.08 17.66 -8.76
C GLU F 44 10.57 18.19 -10.07
N VAL F 45 11.79 18.68 -10.07
CA VAL F 45 12.37 19.24 -11.28
C VAL F 45 12.12 18.36 -12.52
N PRO F 46 11.58 18.96 -13.60
CA PRO F 46 11.30 18.22 -14.82
C PRO F 46 12.57 17.96 -15.60
N GLU F 47 12.54 16.89 -16.37
CA GLU F 47 13.65 16.48 -17.21
C GLU F 47 13.10 16.30 -18.62
N LEU F 48 13.64 17.02 -19.58
CA LEU F 48 13.22 16.87 -20.96
C LEU F 48 13.98 15.68 -21.54
N CYS F 49 13.26 14.74 -22.13
CA CYS F 49 13.90 13.55 -22.67
C CYS F 49 13.30 13.11 -23.96
N VAL F 50 14.05 12.29 -24.67
CA VAL F 50 13.59 11.80 -25.94
C VAL F 50 13.54 10.30 -25.87
N VAL F 51 12.44 9.75 -26.33
CA VAL F 51 12.24 8.31 -26.33
C VAL F 51 13.27 7.66 -27.22
N HIS F 52 13.99 6.71 -26.68
CA HIS F 52 15.01 6.02 -27.42
C HIS F 52 14.57 4.60 -27.67
N SER F 53 13.87 4.00 -26.71
CA SER F 53 13.44 2.61 -26.86
C SER F 53 12.20 2.33 -26.01
N VAL F 54 11.23 1.61 -26.55
CA VAL F 54 9.99 1.29 -25.83
C VAL F 54 9.88 -0.21 -25.56
N GLY F 55 9.76 -0.60 -24.29
CA GLY F 55 9.62 -2.01 -23.94
C GLY F 55 8.50 -2.69 -24.68
N PRO F 56 8.69 -3.97 -25.04
CA PRO F 56 7.68 -4.75 -25.76
C PRO F 56 6.34 -4.90 -25.06
N ASP F 57 6.27 -4.55 -23.79
CA ASP F 57 5.02 -4.67 -23.06
C ASP F 57 4.30 -3.37 -22.89
N VAL F 58 4.92 -2.29 -23.36
CA VAL F 58 4.27 -1.00 -23.30
C VAL F 58 3.17 -1.13 -24.36
N PRO F 59 1.92 -0.79 -24.02
CA PRO F 59 0.81 -0.88 -24.96
C PRO F 59 1.14 -0.22 -26.29
N GLU F 60 0.76 -0.93 -27.35
CA GLU F 60 0.99 -0.48 -28.71
C GLU F 60 0.38 0.90 -28.94
N GLY F 61 1.15 1.76 -29.61
CA GLY F 61 0.67 3.09 -29.90
C GLY F 61 0.72 4.02 -28.71
N PHE F 62 1.52 3.67 -27.71
CA PHE F 62 1.65 4.53 -26.56
C PHE F 62 2.51 5.74 -26.94
N CYS F 63 3.68 5.49 -27.53
CA CYS F 63 4.57 6.57 -27.97
C CYS F 63 5.50 6.04 -29.05
N GLU F 64 6.36 6.91 -29.57
CA GLU F 64 7.29 6.49 -30.60
C GLU F 64 8.68 7.00 -30.34
N VAL F 65 9.65 6.26 -30.84
CA VAL F 65 11.03 6.65 -30.68
C VAL F 65 11.20 8.05 -31.31
N GLY F 66 11.95 8.91 -30.66
CA GLY F 66 12.15 10.25 -31.17
C GLY F 66 11.22 11.24 -30.49
N ASP F 67 10.15 10.75 -29.89
CA ASP F 67 9.23 11.62 -29.18
C ASP F 67 9.85 12.27 -27.96
N LEU F 68 9.56 13.55 -27.81
CA LEU F 68 10.07 14.32 -26.70
C LEU F 68 9.01 14.35 -25.62
N THR F 69 9.46 14.28 -24.37
CA THR F 69 8.55 14.30 -23.22
C THR F 69 9.22 14.94 -22.01
N SER F 70 8.49 15.02 -20.91
CA SER F 70 9.02 15.60 -19.69
C SER F 70 8.66 14.70 -18.52
N LEU F 71 9.68 14.39 -17.71
CA LEU F 71 9.50 13.55 -16.54
C LEU F 71 10.16 14.17 -15.34
N PRO F 72 9.56 14.04 -14.15
CA PRO F 72 10.17 14.60 -12.95
C PRO F 72 11.40 13.76 -12.66
N VAL F 73 12.47 14.40 -12.21
CA VAL F 73 13.70 13.70 -11.88
C VAL F 73 13.43 12.51 -10.97
N GLY F 74 12.47 12.66 -10.06
CA GLY F 74 12.19 11.58 -9.15
C GLY F 74 11.51 10.37 -9.77
N GLN F 75 11.00 10.49 -10.97
CA GLN F 75 10.30 9.38 -11.61
C GLN F 75 11.18 8.52 -12.49
N ILE F 76 12.34 9.05 -12.84
CA ILE F 76 13.23 8.34 -13.72
C ILE F 76 14.47 7.89 -12.99
N ARG F 77 15.11 6.90 -13.59
CA ARG F 77 16.30 6.35 -13.01
C ARG F 77 17.39 6.36 -14.08
N ASN F 78 18.58 6.80 -13.70
CA ASN F 78 19.73 6.83 -14.60
C ASN F 78 20.14 5.39 -14.97
N VAL F 79 20.47 5.20 -16.24
CA VAL F 79 20.91 3.91 -16.75
C VAL F 79 22.36 4.10 -17.27
N PRO F 80 23.29 3.16 -16.94
CA PRO F 80 24.68 3.25 -17.39
C PRO F 80 24.75 3.30 -18.91
N HIS F 81 25.58 4.18 -19.45
CA HIS F 81 25.70 4.27 -20.89
C HIS F 81 26.16 2.92 -21.44
N PRO F 82 25.57 2.42 -22.56
CA PRO F 82 26.00 1.13 -23.10
C PRO F 82 27.50 0.98 -23.26
N PHE F 83 28.15 2.09 -23.53
CA PHE F 83 29.60 2.06 -23.68
C PHE F 83 30.30 1.69 -22.38
N VAL F 84 29.83 2.29 -21.29
CA VAL F 84 30.42 2.01 -19.99
C VAL F 84 30.07 0.57 -19.60
N ALA F 85 28.83 0.21 -19.90
CA ALA F 85 28.32 -1.12 -19.63
C ALA F 85 29.15 -2.15 -20.39
N LEU F 86 29.41 -1.87 -21.66
CA LEU F 86 30.17 -2.80 -22.48
C LEU F 86 31.67 -2.60 -22.26
N GLY F 87 32.03 -1.91 -21.18
CA GLY F 87 33.41 -1.67 -20.81
C GLY F 87 34.36 -1.10 -21.83
N LEU F 88 34.07 0.10 -22.28
CA LEU F 88 34.96 0.68 -23.26
C LEU F 88 35.23 2.10 -22.81
N LYS F 89 34.21 2.68 -22.19
CA LYS F 89 34.30 4.05 -21.74
C LYS F 89 34.14 4.26 -20.26
N GLN F 90 34.67 5.40 -19.83
CA GLN F 90 34.59 5.80 -18.46
C GLN F 90 33.39 6.71 -18.53
N PRO F 91 32.51 6.60 -17.55
CA PRO F 91 31.30 7.43 -17.48
C PRO F 91 31.58 8.94 -17.64
N LYS F 92 32.77 9.38 -17.20
CA LYS F 92 33.16 10.79 -17.28
C LYS F 92 33.19 11.36 -18.68
N GLU F 93 33.67 10.58 -19.63
CA GLU F 93 33.74 11.09 -20.99
C GLU F 93 32.49 10.74 -21.76
N ILE F 94 31.40 10.51 -21.04
CA ILE F 94 30.13 10.19 -21.68
C ILE F 94 29.25 11.41 -21.46
N LYS F 95 28.68 11.92 -22.55
CA LYS F 95 27.83 13.10 -22.51
C LYS F 95 26.34 12.74 -22.54
N GLN F 96 25.99 11.74 -23.35
CA GLN F 96 24.62 11.29 -23.50
C GLN F 96 24.18 10.59 -22.23
N LYS F 97 23.08 11.05 -21.66
CA LYS F 97 22.56 10.47 -20.43
C LYS F 97 21.29 9.66 -20.72
N PHE F 98 21.36 8.35 -20.49
CA PHE F 98 20.19 7.49 -20.68
C PHE F 98 19.49 7.33 -19.34
N VAL F 99 18.17 7.35 -19.37
CA VAL F 99 17.38 7.17 -18.18
C VAL F 99 16.23 6.25 -18.53
N THR F 100 15.60 5.71 -17.49
CA THR F 100 14.50 4.81 -17.71
C THR F 100 13.37 5.12 -16.74
N CYS F 101 12.19 4.66 -17.11
CA CYS F 101 11.03 4.80 -16.26
C CYS F 101 9.94 3.90 -16.80
N HIS F 102 8.96 3.62 -15.96
CA HIS F 102 7.85 2.79 -16.33
C HIS F 102 6.97 3.63 -17.26
N TYR F 103 6.31 3.01 -18.25
CA TYR F 103 5.50 3.82 -19.15
C TYR F 103 4.35 4.59 -18.50
N LYS F 104 3.82 4.05 -17.40
CA LYS F 104 2.73 4.72 -16.70
C LYS F 104 3.14 6.03 -16.03
N ALA F 105 4.44 6.32 -16.01
CA ALA F 105 4.91 7.56 -15.42
C ALA F 105 4.93 8.68 -16.46
N ILE F 106 4.72 8.32 -17.74
CA ILE F 106 4.73 9.31 -18.82
C ILE F 106 3.36 9.89 -19.05
N PRO F 107 3.21 11.18 -18.80
CA PRO F 107 1.92 11.83 -18.97
C PRO F 107 1.67 12.52 -20.33
N CYS F 108 2.73 12.95 -21.00
CA CYS F 108 2.57 13.65 -22.28
C CYS F 108 3.73 13.53 -23.25
N LEU F 109 3.47 13.98 -24.48
CA LEU F 109 4.45 14.01 -25.56
C LEU F 109 4.34 15.39 -26.19
N TYR F 110 5.46 15.99 -26.51
CA TYR F 110 5.45 17.29 -27.17
C TYR F 110 5.41 17.07 -28.67
N LYS F 111 4.26 16.60 -29.09
CA LYS F 111 3.99 16.26 -30.45
C LYS F 111 2.58 16.84 -30.64
N GLN G 5 28.72 -21.83 -17.59
CA GLN G 5 28.13 -20.96 -16.53
C GLN G 5 27.18 -21.74 -15.62
N GLN G 6 26.64 -22.85 -16.13
CA GLN G 6 25.68 -23.64 -15.37
C GLN G 6 26.24 -24.44 -14.19
N LEU G 7 25.73 -24.01 -13.03
CA LEU G 7 26.01 -24.55 -11.73
C LEU G 7 24.65 -25.02 -11.26
N PRO G 8 24.58 -25.64 -10.08
CA PRO G 8 23.30 -26.12 -9.55
C PRO G 8 22.48 -25.03 -8.84
N ILE G 9 21.92 -24.11 -9.62
CA ILE G 9 21.07 -23.06 -9.06
C ILE G 9 20.12 -22.58 -10.13
N ARG G 10 18.83 -22.65 -9.85
CA ARG G 10 17.82 -22.23 -10.81
C ARG G 10 16.84 -21.27 -10.18
N ALA G 11 16.34 -20.35 -11.00
CA ALA G 11 15.39 -19.35 -10.58
C ALA G 11 13.99 -19.98 -10.64
N VAL G 12 13.12 -19.64 -9.69
CA VAL G 12 11.76 -20.17 -9.71
C VAL G 12 10.79 -19.00 -9.80
N GLY G 13 9.54 -19.33 -10.11
CA GLY G 13 8.51 -18.32 -10.24
C GLY G 13 8.86 -17.19 -11.19
N GLU G 14 8.59 -15.97 -10.73
CA GLU G 14 8.85 -14.79 -11.53
C GLU G 14 10.19 -14.13 -11.26
N TYR G 15 11.09 -14.88 -10.61
CA TYR G 15 12.40 -14.36 -10.32
C TYR G 15 13.40 -14.62 -11.43
N VAL G 16 14.53 -13.93 -11.32
CA VAL G 16 15.59 -14.05 -12.27
C VAL G 16 16.88 -14.02 -11.47
N ILE G 17 17.80 -14.91 -11.81
CA ILE G 17 19.07 -14.97 -11.12
C ILE G 17 20.12 -14.48 -12.06
N LEU G 18 20.92 -13.54 -11.59
CA LEU G 18 21.96 -12.94 -12.39
C LEU G 18 23.28 -13.16 -11.70
N VAL G 19 24.35 -12.84 -12.41
CA VAL G 19 25.70 -12.94 -11.86
C VAL G 19 26.36 -11.57 -12.05
N SER G 20 26.80 -10.99 -10.95
CA SER G 20 27.45 -9.69 -10.98
C SER G 20 28.75 -9.69 -11.74
N GLU G 21 28.98 -8.59 -12.44
CA GLU G 21 30.19 -8.38 -13.22
C GLU G 21 31.36 -7.97 -12.36
N PRO G 22 32.56 -8.43 -12.72
CA PRO G 22 33.81 -8.14 -12.03
C PRO G 22 34.07 -6.64 -11.87
N ALA G 23 33.78 -5.86 -12.90
CA ALA G 23 33.98 -4.42 -12.83
C ALA G 23 32.65 -3.65 -12.69
N GLN G 24 32.62 -2.72 -11.73
CA GLN G 24 31.45 -1.87 -11.46
C GLN G 24 32.03 -0.45 -11.31
N ALA G 25 31.19 0.57 -11.35
CA ALA G 25 31.67 1.97 -11.24
C ALA G 25 32.55 2.34 -10.02
N GLY G 26 32.43 1.58 -8.94
CA GLY G 26 33.19 1.84 -7.70
C GLY G 26 34.68 2.13 -7.74
N ASP G 27 35.30 2.01 -8.91
CA ASP G 27 36.73 2.27 -9.08
C ASP G 27 36.95 3.77 -9.28
N GLU G 28 36.04 4.57 -8.71
CA GLU G 28 36.11 6.02 -8.77
C GLU G 28 35.77 6.48 -7.36
N GLU G 29 36.71 6.28 -6.44
CA GLU G 29 36.51 6.68 -5.06
C GLU G 29 36.80 8.18 -4.92
N VAL G 30 36.41 8.92 -5.96
CA VAL G 30 36.57 10.38 -6.08
C VAL G 30 36.00 11.12 -4.86
N THR G 31 35.00 10.53 -4.22
CA THR G 31 34.38 11.12 -3.05
C THR G 31 35.34 11.21 -1.87
N GLU G 32 35.19 12.34 -1.18
CA GLU G 32 35.97 12.68 0.00
C GLU G 32 35.90 11.52 1.01
N SER G 33 37.05 11.15 1.55
CA SER G 33 37.12 10.07 2.52
C SER G 33 36.52 10.47 3.85
N GLY G 34 35.92 9.49 4.54
CA GLY G 34 35.33 9.75 5.84
C GLY G 34 33.94 10.36 5.78
N LEU G 35 33.29 10.26 4.63
CA LEU G 35 31.94 10.79 4.49
C LEU G 35 30.98 9.66 4.81
N ILE G 36 29.87 9.97 5.47
CA ILE G 36 28.86 8.96 5.79
C ILE G 36 27.87 8.89 4.64
N ILE G 37 27.77 7.74 3.98
CA ILE G 37 26.86 7.59 2.84
C ILE G 37 25.53 6.99 3.23
N GLY G 38 24.44 7.68 2.89
CA GLY G 38 23.12 7.19 3.25
C GLY G 38 22.75 5.92 2.51
N LYS G 39 21.70 5.29 3.01
CA LYS G 39 21.22 4.05 2.42
C LYS G 39 20.54 4.24 1.08
N ARG G 40 19.84 5.37 0.90
CA ARG G 40 19.17 5.65 -0.38
C ARG G 40 20.19 5.75 -1.49
N VAL G 41 21.25 6.50 -1.20
CA VAL G 41 22.32 6.70 -2.17
C VAL G 41 22.94 5.34 -2.53
N GLN G 42 23.32 4.58 -1.51
CA GLN G 42 23.91 3.25 -1.76
C GLN G 42 22.97 2.36 -2.54
N GLY G 43 21.68 2.47 -2.27
CA GLY G 43 20.73 1.66 -2.99
C GLY G 43 20.55 2.02 -4.45
N GLU G 44 20.94 3.26 -4.82
CA GLU G 44 20.81 3.72 -6.21
C GLU G 44 21.93 3.30 -7.11
N VAL G 45 23.09 3.00 -6.52
CA VAL G 45 24.23 2.54 -7.30
C VAL G 45 23.83 1.37 -8.20
N PRO G 46 24.11 1.47 -9.51
CA PRO G 46 23.77 0.41 -10.45
C PRO G 46 24.73 -0.75 -10.31
N GLU G 47 24.26 -1.91 -10.75
CA GLU G 47 25.04 -3.11 -10.70
C GLU G 47 24.87 -3.76 -12.07
N LEU G 48 26.01 -4.03 -12.71
CA LEU G 48 26.01 -4.68 -14.01
C LEU G 48 25.97 -6.18 -13.75
N CYS G 49 25.00 -6.85 -14.37
CA CYS G 49 24.84 -8.28 -14.16
C CYS G 49 24.48 -9.02 -15.41
N VAL G 50 24.70 -10.32 -15.35
CA VAL G 50 24.42 -11.16 -16.48
C VAL G 50 23.39 -12.18 -16.07
N VAL G 51 22.36 -12.33 -16.89
CA VAL G 51 21.31 -13.27 -16.63
C VAL G 51 21.88 -14.65 -16.65
N HIS G 52 21.63 -15.39 -15.58
CA HIS G 52 22.13 -16.75 -15.44
C HIS G 52 20.98 -17.71 -15.53
N SER G 53 19.83 -17.32 -14.98
CA SER G 53 18.67 -18.22 -14.98
C SER G 53 17.37 -17.41 -14.89
N VAL G 54 16.35 -17.80 -15.66
CA VAL G 54 15.08 -17.10 -15.67
C VAL G 54 13.96 -18.00 -15.14
N GLY G 55 13.27 -17.55 -14.11
CA GLY G 55 12.17 -18.31 -13.55
C GLY G 55 11.13 -18.70 -14.59
N PRO G 56 10.54 -19.89 -14.45
CA PRO G 56 9.53 -20.40 -15.37
C PRO G 56 8.27 -19.55 -15.50
N ASP G 57 8.10 -18.60 -14.59
CA ASP G 57 6.92 -17.74 -14.67
C ASP G 57 7.21 -16.38 -15.26
N VAL G 58 8.47 -16.14 -15.56
CA VAL G 58 8.81 -14.89 -16.19
C VAL G 58 8.23 -15.06 -17.59
N PRO G 59 7.48 -14.06 -18.09
CA PRO G 59 6.87 -14.15 -19.42
C PRO G 59 7.90 -14.53 -20.47
N GLU G 60 7.47 -15.43 -21.34
CA GLU G 60 8.31 -15.92 -22.43
C GLU G 60 8.83 -14.77 -23.30
N GLY G 61 10.11 -14.84 -23.64
CA GLY G 61 10.70 -13.80 -24.47
C GLY G 61 11.01 -12.52 -23.72
N PHE G 62 11.09 -12.61 -22.39
CA PHE G 62 11.41 -11.44 -21.62
C PHE G 62 12.90 -11.14 -21.76
N CYS G 63 13.74 -12.15 -21.53
CA CYS G 63 15.20 -11.99 -21.68
C CYS G 63 15.83 -13.37 -21.90
N GLU G 64 17.14 -13.39 -22.07
CA GLU G 64 17.83 -14.66 -22.28
C GLU G 64 19.07 -14.76 -21.45
N VAL G 65 19.42 -15.98 -21.14
CA VAL G 65 20.62 -16.23 -20.35
C VAL G 65 21.79 -15.63 -21.13
N GLY G 66 22.72 -15.01 -20.41
CA GLY G 66 23.86 -14.41 -21.08
C GLY G 66 23.64 -12.91 -21.28
N ASP G 67 22.39 -12.46 -21.24
CA ASP G 67 22.09 -11.05 -21.40
C ASP G 67 22.61 -10.22 -20.25
N LEU G 68 23.19 -9.07 -20.61
CA LEU G 68 23.74 -8.15 -19.64
C LEU G 68 22.71 -7.08 -19.36
N THR G 69 22.62 -6.67 -18.10
CA THR G 69 21.66 -5.65 -17.69
C THR G 69 22.21 -4.85 -16.52
N SER G 70 21.43 -3.89 -16.06
CA SER G 70 21.84 -3.06 -14.94
C SER G 70 20.69 -2.92 -13.96
N LEU G 71 20.99 -3.16 -12.69
CA LEU G 71 20.00 -3.07 -11.63
C LEU G 71 20.54 -2.29 -10.46
N PRO G 72 19.69 -1.49 -9.81
CA PRO G 72 20.15 -0.71 -8.65
C PRO G 72 20.40 -1.72 -7.53
N VAL G 73 21.45 -1.50 -6.76
CA VAL G 73 21.79 -2.35 -5.65
C VAL G 73 20.58 -2.62 -4.78
N GLY G 74 19.74 -1.61 -4.60
CA GLY G 74 18.58 -1.79 -3.75
C GLY G 74 17.48 -2.67 -4.31
N GLN G 75 17.55 -3.01 -5.58
CA GLN G 75 16.51 -3.84 -6.19
C GLN G 75 16.83 -5.31 -6.19
N ILE G 76 18.09 -5.63 -5.98
CA ILE G 76 18.51 -7.01 -6.02
C ILE G 76 18.91 -7.51 -4.66
N ARG G 77 18.89 -8.82 -4.54
CA ARG G 77 19.24 -9.45 -3.29
C ARG G 77 20.31 -10.50 -3.57
N ASN G 78 21.35 -10.51 -2.74
CA ASN G 78 22.44 -11.48 -2.85
C ASN G 78 21.90 -12.87 -2.56
N VAL G 79 22.39 -13.85 -3.30
CA VAL G 79 22.00 -15.24 -3.15
C VAL G 79 23.29 -16.00 -2.82
N PRO G 80 23.25 -16.90 -1.83
CA PRO G 80 24.44 -17.68 -1.46
C PRO G 80 24.93 -18.48 -2.65
N HIS G 81 26.24 -18.50 -2.87
CA HIS G 81 26.79 -19.27 -3.98
C HIS G 81 26.43 -20.75 -3.82
N PRO G 82 25.98 -21.43 -4.89
CA PRO G 82 25.63 -22.85 -4.75
C PRO G 82 26.65 -23.72 -3.99
N PHE G 83 27.96 -23.42 -4.04
CA PHE G 83 28.93 -24.26 -3.30
C PHE G 83 28.83 -24.00 -1.84
N VAL G 84 28.58 -22.76 -1.48
CA VAL G 84 28.45 -22.49 -0.07
C VAL G 84 27.17 -23.17 0.39
N ALA G 85 26.14 -23.04 -0.41
CA ALA G 85 24.85 -23.65 -0.12
C ALA G 85 24.99 -25.17 -0.03
N LEU G 86 25.70 -25.77 -0.97
CA LEU G 86 25.87 -27.21 -0.98
C LEU G 86 27.01 -27.62 -0.05
N GLY G 87 27.39 -26.70 0.85
CA GLY G 87 28.44 -26.94 1.84
C GLY G 87 29.75 -27.51 1.34
N LEU G 88 30.34 -26.88 0.36
CA LEU G 88 31.55 -27.41 -0.16
C LEU G 88 32.62 -26.40 0.17
N LYS G 89 32.32 -25.14 -0.10
CA LYS G 89 33.29 -24.11 0.14
C LYS G 89 32.85 -23.06 1.12
N GLN G 90 33.76 -22.13 1.36
CA GLN G 90 33.56 -21.04 2.31
C GLN G 90 33.32 -19.81 1.44
N PRO G 91 32.44 -18.91 1.89
CA PRO G 91 32.08 -17.67 1.20
C PRO G 91 33.28 -16.87 0.69
N LYS G 92 34.27 -16.75 1.56
CA LYS G 92 35.50 -16.01 1.26
C LYS G 92 36.22 -16.47 0.00
N GLU G 93 36.23 -17.78 -0.23
CA GLU G 93 36.91 -18.34 -1.40
C GLU G 93 36.02 -18.42 -2.62
N ILE G 94 34.95 -17.66 -2.62
CA ILE G 94 34.06 -17.66 -3.77
C ILE G 94 34.20 -16.26 -4.38
N LYS G 95 34.46 -16.21 -5.68
CA LYS G 95 34.61 -14.92 -6.34
C LYS G 95 33.30 -14.50 -7.05
N GLN G 96 32.64 -15.44 -7.73
CA GLN G 96 31.38 -15.21 -8.45
C GLN G 96 30.26 -14.81 -7.48
N LYS G 97 29.53 -13.74 -7.81
CA LYS G 97 28.45 -13.28 -6.91
C LYS G 97 27.11 -13.43 -7.62
N PHE G 98 26.22 -14.20 -7.01
CA PHE G 98 24.89 -14.39 -7.59
C PHE G 98 23.92 -13.49 -6.85
N VAL G 99 22.99 -12.91 -7.60
CA VAL G 99 21.97 -12.05 -7.05
C VAL G 99 20.65 -12.39 -7.69
N THR G 100 19.56 -11.96 -7.09
CA THR G 100 18.27 -12.24 -7.64
C THR G 100 17.40 -11.00 -7.54
N CYS G 101 16.36 -11.01 -8.36
CA CYS G 101 15.39 -9.94 -8.35
C CYS G 101 14.17 -10.39 -9.16
N HIS G 102 13.05 -9.72 -8.93
CA HIS G 102 11.83 -10.03 -9.62
C HIS G 102 11.99 -9.52 -11.05
N TYR G 103 11.41 -10.18 -12.03
CA TYR G 103 11.61 -9.74 -13.42
C TYR G 103 11.10 -8.32 -13.72
N LYS G 104 10.07 -7.89 -13.01
CA LYS G 104 9.53 -6.55 -13.21
C LYS G 104 10.49 -5.45 -12.78
N ALA G 105 11.59 -5.80 -12.12
CA ALA G 105 12.54 -4.79 -11.71
C ALA G 105 13.58 -4.54 -12.80
N ILE G 106 13.55 -5.38 -13.85
CA ILE G 106 14.50 -5.25 -14.96
C ILE G 106 13.94 -4.34 -16.03
N PRO G 107 14.60 -3.20 -16.24
CA PRO G 107 14.16 -2.24 -17.24
C PRO G 107 14.79 -2.34 -18.63
N CYS G 108 16.02 -2.87 -18.72
CA CYS G 108 16.70 -2.98 -20.00
C CYS G 108 17.74 -4.10 -20.13
N LEU G 109 18.20 -4.30 -21.36
CA LEU G 109 19.22 -5.29 -21.69
C LEU G 109 20.20 -4.57 -22.62
N TYR G 110 21.48 -4.81 -22.42
CA TYR G 110 22.49 -4.20 -23.29
C TYR G 110 22.71 -5.16 -24.44
N LYS G 111 21.61 -5.39 -25.14
CA LYS G 111 21.47 -6.31 -26.25
C LYS G 111 20.91 -5.50 -27.44
#